data_2Y5K
#
_entry.id   2Y5K
#
_cell.length_a   67.136
_cell.length_b   82.784
_cell.length_c   276.604
_cell.angle_alpha   90.00
_cell.angle_beta   90.00
_cell.angle_gamma   90.00
#
_symmetry.space_group_name_H-M   'P 21 21 21'
#
loop_
_entity.id
_entity.type
_entity.pdbx_description
1 polymer 'FRUCTOSE-1,6-BISPHOSPHATASE 1'
2 non-polymer 1-[5-(2-METHOXYETHYL)-4-METHYL-THIOPHEN-2-YL]SULFONYL-3-[4-METHOXY-6-(METHYLCARBAMOYLAMINO)PYRIDIN-2-YL]UREA
3 water water
#
_entity_poly.entity_id   1
_entity_poly.type   'polypeptide(L)'
_entity_poly.pdbx_seq_one_letter_code
;MADQAPFDTDVNTLTRFVMEEGRKARGTGELTQLLNSLCTAVKAISSAVRKAGIAHLYGIAGSTNVTGDQVKKLDVLSND
LVMNMLKSSFATCVLVSEEDKHAIIVEPEKRGKYVVCFDPLDGSSNIDCLVSVGTIFGIYRKKSTDEPSEKDALQPGRNL
VAAGYALYGSATMLVLAMDCGVNCFMLDPAIGEFILVDKDVKIKKKGKIYSLNEGYAKDFDPAVTEYIQRKKFPPDNSAP
YGARYVGSMVADVHRTLVYGGIFLYPANKKSPNGKLRLLYECNPMAYVMEKAGGMATTGKEAVLDVIPTDIHQRAPVILG
SPDDVLEFLKVYEKHSAQ
;
_entity_poly.pdbx_strand_id   A,B,C,D
#
# COMPACT_ATOMS: atom_id res chain seq x y z
N ASP A 10 -9.46 23.23 -5.69
CA ASP A 10 -9.60 22.03 -6.56
C ASP A 10 -8.32 21.20 -6.50
N VAL A 11 -8.47 19.96 -6.01
CA VAL A 11 -7.43 18.96 -6.13
C VAL A 11 -7.16 18.77 -7.62
N ASN A 12 -5.89 18.68 -7.99
CA ASN A 12 -5.58 18.32 -9.35
C ASN A 12 -4.62 17.14 -9.41
N THR A 13 -4.88 16.23 -10.35
CA THR A 13 -4.08 15.04 -10.53
C THR A 13 -3.45 15.12 -11.91
N LEU A 14 -2.66 14.10 -12.28
CA LEU A 14 -2.01 14.07 -13.58
C LEU A 14 -3.02 13.95 -14.70
N THR A 15 -3.88 12.94 -14.59
CA THR A 15 -4.87 12.60 -15.62
C THR A 15 -5.76 13.80 -15.93
N ARG A 16 -6.24 14.45 -14.88
CA ARG A 16 -7.10 15.62 -14.99
C ARG A 16 -6.37 16.79 -15.66
N PHE A 17 -5.17 17.10 -15.19
CA PHE A 17 -4.34 18.19 -15.72
C PHE A 17 -4.09 18.01 -17.20
N VAL A 18 -3.70 16.79 -17.54
CA VAL A 18 -3.34 16.41 -18.88
C VAL A 18 -4.54 16.56 -19.81
N MET A 19 -5.69 16.04 -19.34
CA MET A 19 -6.94 16.01 -20.11
C MET A 19 -7.43 17.41 -20.45
N GLU A 20 -7.36 18.29 -19.45
CA GLU A 20 -7.70 19.71 -19.58
C GLU A 20 -6.73 20.46 -20.51
N GLU A 21 -5.44 20.13 -20.41
CA GLU A 21 -4.47 20.64 -21.37
C GLU A 21 -4.78 20.14 -22.78
N GLY A 22 -5.03 18.84 -22.88
CA GLY A 22 -5.42 18.21 -24.14
C GLY A 22 -6.61 18.90 -24.79
N ARG A 23 -7.56 19.31 -23.94
CA ARG A 23 -8.75 20.05 -24.40
C ARG A 23 -8.45 21.51 -24.74
N LYS A 24 -7.68 22.21 -23.89
CA LYS A 24 -7.22 23.55 -24.23
C LYS A 24 -6.56 23.59 -25.61
N ALA A 25 -5.65 22.64 -25.85
CA ALA A 25 -4.96 22.47 -27.14
C ALA A 25 -5.88 21.95 -28.24
N ARG A 26 -7.01 21.34 -27.85
CA ARG A 26 -7.94 20.69 -28.80
C ARG A 26 -7.30 19.51 -29.56
N GLY A 27 -6.42 18.78 -28.87
CA GLY A 27 -5.76 17.60 -29.45
C GLY A 27 -6.73 16.44 -29.66
N THR A 28 -6.27 15.40 -30.36
CA THR A 28 -7.09 14.22 -30.57
C THR A 28 -7.12 13.25 -29.37
N GLY A 29 -6.07 13.28 -28.54
CA GLY A 29 -6.02 12.54 -27.27
C GLY A 29 -4.82 11.61 -27.11
N GLU A 30 -3.92 11.67 -28.06
CA GLU A 30 -2.91 10.65 -28.22
C GLU A 30 -1.79 10.87 -27.23
N LEU A 31 -1.32 12.10 -27.17
CA LEU A 31 -0.35 12.47 -26.17
C LEU A 31 -0.88 12.19 -24.77
N THR A 32 -2.19 12.37 -24.58
CA THR A 32 -2.80 12.12 -23.29
C THR A 32 -2.80 10.62 -22.96
N GLN A 33 -3.16 9.76 -23.93
CA GLN A 33 -3.09 8.30 -23.71
C GLN A 33 -1.63 7.95 -23.39
N LEU A 34 -0.72 8.51 -24.18
CA LEU A 34 0.72 8.30 -24.01
C LEU A 34 1.13 8.61 -22.58
N LEU A 35 0.93 9.85 -22.13
CA LEU A 35 1.29 10.23 -20.76
C LEU A 35 0.54 9.37 -19.73
N ASN A 36 -0.69 8.95 -20.07
CA ASN A 36 -1.45 8.11 -19.17
C ASN A 36 -0.75 6.78 -18.95
N SER A 37 -0.39 6.12 -20.05
CA SER A 37 0.39 4.88 -20.02
C SER A 37 1.65 5.00 -19.19
N LEU A 38 2.33 6.16 -19.34
CA LEU A 38 3.63 6.39 -18.74
C LEU A 38 3.44 6.53 -17.25
N CYS A 39 2.39 7.24 -16.87
CA CYS A 39 2.00 7.42 -15.48
C CYS A 39 1.81 6.08 -14.76
N THR A 40 1.18 5.11 -15.43
CA THR A 40 0.92 3.76 -14.93
C THR A 40 2.19 2.95 -14.83
N ALA A 41 3.03 3.05 -15.86
CA ALA A 41 4.35 2.41 -15.81
C ALA A 41 5.15 2.94 -14.61
N VAL A 42 5.08 4.25 -14.37
CA VAL A 42 5.85 4.91 -13.28
C VAL A 42 5.34 4.49 -11.91
N LYS A 43 4.04 4.27 -11.81
CA LYS A 43 3.44 3.74 -10.59
C LYS A 43 3.96 2.33 -10.28
N ALA A 44 3.98 1.48 -11.31
CA ALA A 44 4.46 0.11 -11.17
C ALA A 44 5.97 0.06 -10.93
N ILE A 45 6.71 0.97 -11.54
CA ILE A 45 8.13 1.11 -11.23
C ILE A 45 8.34 1.49 -9.77
N SER A 46 7.60 2.50 -9.29
CA SER A 46 7.71 2.97 -7.91
C SER A 46 7.42 1.82 -6.94
N SER A 47 6.34 1.09 -7.21
CA SER A 47 5.95 -0.09 -6.42
C SER A 47 7.12 -1.06 -6.28
N ALA A 48 7.71 -1.39 -7.44
CA ALA A 48 8.79 -2.36 -7.56
C ALA A 48 10.04 -1.85 -6.89
N VAL A 49 10.38 -0.60 -7.17
CA VAL A 49 11.51 0.08 -6.54
C VAL A 49 11.42 0.06 -5.01
N ARG A 50 10.28 0.44 -4.44
CA ARG A 50 10.09 0.43 -2.98
C ARG A 50 10.04 -0.98 -2.39
N LYS A 51 10.07 -1.98 -3.27
CA LYS A 51 10.27 -3.39 -2.91
C LYS A 51 9.01 -4.12 -2.43
N ALA A 52 7.85 -3.77 -2.98
CA ALA A 52 6.62 -4.48 -2.69
C ALA A 52 6.76 -5.90 -3.21
N GLY A 53 6.44 -6.89 -2.39
CA GLY A 53 6.58 -8.27 -2.79
C GLY A 53 7.94 -8.89 -2.52
N ILE A 54 8.91 -8.09 -2.05
CA ILE A 54 10.26 -8.58 -1.72
C ILE A 54 10.23 -9.80 -0.82
N ALA A 55 9.24 -9.85 0.07
CA ALA A 55 9.05 -10.99 0.96
C ALA A 55 8.99 -12.30 0.19
N HIS A 56 8.41 -12.29 -1.01
CA HIS A 56 8.27 -13.52 -1.79
C HIS A 56 9.58 -14.01 -2.36
N LEU A 57 10.44 -13.06 -2.74
CA LEU A 57 11.80 -13.37 -3.16
C LEU A 57 12.62 -13.98 -2.04
N TYR A 58 12.26 -13.67 -0.80
CA TYR A 58 12.98 -14.20 0.35
C TYR A 58 12.29 -15.38 1.03
N GLY A 59 11.36 -16.03 0.33
CA GLY A 59 10.84 -17.33 0.76
C GLY A 59 9.62 -17.39 1.67
N ILE A 60 8.94 -16.26 1.86
CA ILE A 60 7.73 -16.22 2.68
C ILE A 60 6.69 -17.32 2.31
N ALA A 61 6.56 -17.60 1.02
CA ALA A 61 5.64 -18.63 0.55
C ALA A 61 6.37 -19.91 0.15
N GLY A 62 7.65 -19.98 0.51
CA GLY A 62 8.54 -21.07 0.12
C GLY A 62 9.45 -20.58 -0.98
N VAL A 71 11.64 -11.51 -10.06
CA VAL A 71 13.01 -11.99 -10.28
C VAL A 71 13.86 -11.09 -11.18
N LYS A 72 13.24 -10.51 -12.19
CA LYS A 72 13.92 -9.55 -13.06
C LYS A 72 14.48 -8.41 -12.22
N LYS A 73 15.71 -8.01 -12.52
CA LYS A 73 16.32 -6.80 -11.99
C LYS A 73 15.51 -5.56 -12.30
N LEU A 74 15.49 -4.63 -11.36
CA LEU A 74 14.65 -3.43 -11.45
C LEU A 74 14.78 -2.61 -12.73
N ASP A 75 15.98 -2.49 -13.28
CA ASP A 75 16.14 -1.81 -14.58
C ASP A 75 15.52 -2.58 -15.77
N VAL A 76 15.62 -3.90 -15.74
CA VAL A 76 14.98 -4.75 -16.76
C VAL A 76 13.45 -4.64 -16.65
N LEU A 77 12.95 -4.74 -15.42
CA LEU A 77 11.52 -4.64 -15.17
C LEU A 77 11.03 -3.28 -15.63
N SER A 78 11.65 -2.23 -15.09
CA SER A 78 11.39 -0.83 -15.51
C SER A 78 11.34 -0.66 -17.04
N ASN A 79 12.28 -1.23 -17.77
CA ASN A 79 12.26 -1.13 -19.21
C ASN A 79 11.04 -1.86 -19.81
N ASP A 80 10.73 -3.04 -19.29
CA ASP A 80 9.59 -3.86 -19.74
C ASP A 80 8.27 -3.16 -19.47
N LEU A 81 8.17 -2.50 -18.32
CA LEU A 81 6.97 -1.73 -17.96
C LEU A 81 6.78 -0.53 -18.88
N VAL A 82 7.82 0.26 -19.09
CA VAL A 82 7.74 1.40 -19.99
C VAL A 82 7.50 0.96 -21.43
N MET A 83 8.31 0.03 -21.95
CA MET A 83 8.10 -0.49 -23.31
C MET A 83 6.66 -0.89 -23.53
N ASN A 84 6.16 -1.81 -22.70
CA ASN A 84 4.81 -2.37 -22.87
C ASN A 84 3.73 -1.31 -22.79
N MET A 85 3.75 -0.51 -21.74
CA MET A 85 2.73 0.53 -21.57
C MET A 85 2.66 1.49 -22.75
N LEU A 86 3.82 1.93 -23.24
CA LEU A 86 3.89 2.86 -24.38
C LEU A 86 3.38 2.25 -25.68
N LYS A 87 3.81 1.03 -25.98
CA LYS A 87 3.27 0.29 -27.14
C LYS A 87 1.76 0.24 -27.05
N SER A 88 1.26 -0.07 -25.86
CA SER A 88 -0.18 -0.27 -25.69
C SER A 88 -0.97 1.03 -25.57
N SER A 89 -0.29 2.17 -25.56
CA SER A 89 -0.99 3.46 -25.50
C SER A 89 -1.55 3.89 -26.86
N PHE A 90 -1.11 3.20 -27.91
CA PHE A 90 -1.43 3.49 -29.32
C PHE A 90 -0.99 4.87 -29.78
N ALA A 91 -0.08 5.48 -29.01
CA ALA A 91 0.39 6.85 -29.24
C ALA A 91 1.82 6.97 -29.72
N THR A 92 2.51 5.83 -29.82
CA THR A 92 3.94 5.84 -30.19
C THR A 92 4.27 4.99 -31.40
N CYS A 93 5.32 5.39 -32.11
CA CYS A 93 5.79 4.68 -33.31
C CYS A 93 7.24 4.20 -33.17
N VAL A 94 8.08 4.97 -32.50
CA VAL A 94 9.47 4.60 -32.26
C VAL A 94 9.87 4.85 -30.80
N LEU A 95 10.56 3.87 -30.22
CA LEU A 95 10.94 3.92 -28.83
C LEU A 95 12.44 3.72 -28.73
N VAL A 96 13.12 4.68 -28.12
CA VAL A 96 14.55 4.59 -27.78
C VAL A 96 14.60 4.45 -26.28
N SER A 97 15.33 3.45 -25.83
CA SER A 97 15.48 3.21 -24.41
C SER A 97 16.93 2.94 -24.20
N GLU A 98 17.45 3.44 -23.08
CA GLU A 98 18.84 3.22 -22.69
C GLU A 98 19.23 1.74 -22.85
N GLU A 99 18.25 0.84 -22.71
CA GLU A 99 18.50 -0.59 -22.57
C GLU A 99 18.67 -1.30 -23.90
N ASP A 100 18.17 -0.67 -24.95
CA ASP A 100 18.08 -1.31 -26.25
C ASP A 100 18.98 -0.59 -27.26
N LYS A 101 19.93 -1.35 -27.81
CA LYS A 101 20.89 -0.80 -28.77
C LYS A 101 20.18 -0.15 -29.93
N HIS A 102 19.23 -0.85 -30.53
CA HIS A 102 18.42 -0.27 -31.58
C HIS A 102 17.11 0.30 -31.03
N ALA A 103 16.53 1.23 -31.79
CA ALA A 103 15.22 1.79 -31.51
C ALA A 103 14.18 0.71 -31.80
N ILE A 104 13.11 0.71 -31.00
CA ILE A 104 12.05 -0.27 -31.14
C ILE A 104 10.97 0.40 -31.97
N ILE A 105 10.68 -0.21 -33.11
CA ILE A 105 9.64 0.28 -34.00
C ILE A 105 8.38 -0.41 -33.54
N VAL A 106 7.41 0.38 -33.08
CA VAL A 106 6.15 -0.16 -32.63
C VAL A 106 5.42 -0.80 -33.81
N GLU A 107 4.80 -1.96 -33.58
CA GLU A 107 4.02 -2.66 -34.62
C GLU A 107 2.86 -1.79 -35.13
N PRO A 108 2.58 -1.82 -36.45
CA PRO A 108 1.66 -0.91 -37.15
C PRO A 108 0.30 -0.74 -36.50
N GLU A 109 -0.24 -1.84 -35.97
CA GLU A 109 -1.57 -1.85 -35.38
C GLU A 109 -1.60 -1.05 -34.09
N LYS A 110 -0.45 -0.97 -33.43
CA LYS A 110 -0.31 -0.18 -32.22
C LYS A 110 0.39 1.18 -32.44
N ARG A 111 0.56 1.57 -33.71
CA ARG A 111 1.31 2.81 -34.06
C ARG A 111 0.59 4.15 -33.86
N GLY A 112 1.24 5.03 -33.11
CA GLY A 112 0.80 6.42 -32.99
C GLY A 112 1.85 7.38 -33.50
N LYS A 113 1.59 8.68 -33.38
CA LYS A 113 2.41 9.68 -34.05
C LYS A 113 3.67 10.07 -33.30
N TYR A 114 3.84 9.60 -32.06
CA TYR A 114 4.95 10.04 -31.19
C TYR A 114 6.16 9.13 -31.09
N VAL A 115 7.31 9.76 -30.89
CA VAL A 115 8.58 9.10 -30.70
C VAL A 115 8.97 9.33 -29.25
N VAL A 116 9.18 8.27 -28.49
CA VAL A 116 9.57 8.43 -27.10
C VAL A 116 10.97 7.88 -26.85
N CYS A 117 11.83 8.69 -26.23
CA CYS A 117 13.13 8.23 -25.81
C CYS A 117 13.06 8.20 -24.30
N PHE A 118 13.55 7.14 -23.68
CA PHE A 118 13.51 7.07 -22.21
C PHE A 118 14.68 6.34 -21.54
N ASP A 119 14.95 6.72 -20.30
CA ASP A 119 15.85 5.96 -19.46
C ASP A 119 14.94 5.45 -18.36
N PRO A 120 14.59 4.15 -18.42
CA PRO A 120 13.54 3.57 -17.58
C PRO A 120 13.87 3.56 -16.10
N LEU A 121 15.14 3.35 -15.76
CA LEU A 121 15.56 3.41 -14.37
C LEU A 121 16.98 3.97 -14.17
N ASP A 122 17.09 5.28 -14.28
CA ASP A 122 18.35 5.96 -14.21
C ASP A 122 18.92 5.93 -12.78
N GLY A 123 20.21 5.60 -12.68
CA GLY A 123 20.89 5.56 -11.41
C GLY A 123 20.82 4.20 -10.74
N SER A 124 20.23 3.24 -11.43
CA SER A 124 20.02 1.88 -10.93
C SER A 124 21.29 1.05 -10.72
N SER A 125 22.38 1.41 -11.41
CA SER A 125 23.64 0.68 -11.27
C SER A 125 24.12 0.67 -9.82
N ASN A 126 23.69 1.68 -9.06
CA ASN A 126 24.00 1.79 -7.63
C ASN A 126 22.82 1.55 -6.68
N ILE A 127 21.73 1.04 -7.23
CA ILE A 127 20.46 0.89 -6.49
C ILE A 127 20.61 0.10 -5.18
N ASP A 128 21.62 -0.78 -5.14
CA ASP A 128 21.98 -1.60 -3.98
C ASP A 128 22.14 -0.81 -2.67
N CYS A 129 22.43 0.49 -2.78
CA CYS A 129 22.60 1.34 -1.61
C CYS A 129 21.38 2.23 -1.31
N LEU A 130 20.28 1.95 -2.03
CA LEU A 130 19.00 2.65 -1.85
C LEU A 130 19.03 4.11 -2.26
N VAL A 131 19.93 4.42 -3.19
CA VAL A 131 20.04 5.77 -3.73
C VAL A 131 18.75 6.08 -4.45
N SER A 132 18.34 7.35 -4.44
CA SER A 132 17.28 7.79 -5.32
C SER A 132 17.60 7.37 -6.75
N VAL A 133 16.56 6.91 -7.43
CA VAL A 133 16.66 6.49 -8.81
C VAL A 133 15.50 7.17 -9.51
N GLY A 134 15.34 6.90 -10.80
CA GLY A 134 14.38 7.64 -11.61
C GLY A 134 14.20 7.18 -13.03
N THR A 135 13.07 7.60 -13.60
CA THR A 135 12.75 7.38 -15.00
C THR A 135 12.70 8.71 -15.77
N ILE A 136 13.47 8.82 -16.84
CA ILE A 136 13.53 10.03 -17.67
C ILE A 136 12.90 9.73 -19.02
N PHE A 137 12.06 10.64 -19.51
CA PHE A 137 11.46 10.52 -20.85
C PHE A 137 11.52 11.85 -21.60
N GLY A 138 11.60 11.76 -22.91
CA GLY A 138 11.42 12.91 -23.78
C GLY A 138 10.49 12.47 -24.88
N ILE A 139 9.54 13.32 -25.27
CA ILE A 139 8.54 12.94 -26.27
C ILE A 139 8.60 13.85 -27.49
N TYR A 140 8.66 13.23 -28.67
CA TYR A 140 8.68 13.92 -29.97
C TYR A 140 7.56 13.45 -30.91
N ARG A 141 7.14 14.33 -31.80
CA ARG A 141 6.33 13.93 -32.92
C ARG A 141 7.23 13.36 -34.00
N LYS A 142 6.73 12.33 -34.67
CA LYS A 142 7.38 11.80 -35.86
C LYS A 142 7.10 12.79 -36.99
N LYS A 143 8.19 13.23 -37.61
CA LYS A 143 8.23 14.36 -38.54
C LYS A 143 8.40 13.99 -40.01
N SER A 144 8.87 12.77 -40.26
CA SER A 144 8.96 12.23 -41.61
C SER A 144 7.63 11.61 -42.01
N THR A 145 7.45 11.41 -43.33
CA THR A 145 6.33 10.64 -43.86
C THR A 145 6.79 9.19 -44.06
N ASP A 146 8.11 9.02 -44.13
CA ASP A 146 8.78 7.72 -44.25
C ASP A 146 8.19 6.73 -43.26
N GLU A 147 8.41 5.43 -43.49
CA GLU A 147 7.99 4.45 -42.50
C GLU A 147 8.84 4.69 -41.24
N PRO A 148 8.31 4.38 -40.04
CA PRO A 148 9.07 4.81 -38.86
C PRO A 148 10.39 4.05 -38.71
N SER A 149 11.45 4.76 -38.35
CA SER A 149 12.79 4.23 -38.26
C SER A 149 13.50 4.92 -37.11
N GLU A 150 14.65 4.39 -36.75
CA GLU A 150 15.53 5.01 -35.74
C GLU A 150 15.76 6.49 -35.98
N LYS A 151 15.76 6.88 -37.25
CA LYS A 151 16.08 8.24 -37.64
C LYS A 151 15.08 9.25 -37.11
N ASP A 152 13.85 8.81 -36.84
CA ASP A 152 12.83 9.70 -36.28
C ASP A 152 13.16 10.18 -34.88
N ALA A 153 13.97 9.39 -34.17
CA ALA A 153 14.43 9.72 -32.82
C ALA A 153 15.58 10.71 -32.86
N LEU A 154 16.09 11.00 -34.05
CA LEU A 154 17.26 11.86 -34.18
C LEU A 154 16.84 13.31 -34.41
N GLN A 155 16.18 13.86 -33.40
CA GLN A 155 15.74 15.24 -33.41
C GLN A 155 16.48 15.97 -32.30
N PRO A 156 16.81 17.26 -32.51
CA PRO A 156 17.28 18.08 -31.39
C PRO A 156 16.21 18.23 -30.31
N GLY A 157 16.61 18.32 -29.05
CA GLY A 157 15.67 18.50 -27.95
C GLY A 157 14.78 19.72 -28.16
N ARG A 158 15.18 20.60 -29.09
CA ARG A 158 14.37 21.73 -29.50
C ARG A 158 12.99 21.29 -29.98
N ASN A 159 12.90 20.08 -30.50
CA ASN A 159 11.64 19.58 -31.08
C ASN A 159 10.73 18.87 -30.10
N LEU A 160 11.06 18.94 -28.81
CA LEU A 160 10.34 18.17 -27.78
C LEU A 160 8.91 18.66 -27.57
N VAL A 161 7.99 17.73 -27.48
CA VAL A 161 6.58 18.01 -27.27
C VAL A 161 6.34 17.96 -25.76
N ALA A 162 6.96 16.98 -25.11
CA ALA A 162 6.91 16.83 -23.67
C ALA A 162 8.17 16.15 -23.17
N ALA A 163 8.51 16.39 -21.93
CA ALA A 163 9.59 15.65 -21.30
C ALA A 163 9.48 15.84 -19.78
N GLY A 164 10.34 15.12 -19.07
CA GLY A 164 10.42 15.26 -17.65
C GLY A 164 11.05 14.02 -17.05
N TYR A 165 10.72 13.82 -15.77
CA TYR A 165 11.22 12.65 -15.09
C TYR A 165 10.28 12.17 -13.97
N ALA A 166 10.45 10.92 -13.59
CA ALA A 166 9.89 10.45 -12.33
C ALA A 166 11.07 10.19 -11.42
N LEU A 167 11.02 10.75 -10.24
CA LEU A 167 12.04 10.50 -9.24
C LEU A 167 11.42 9.61 -8.19
N TYR A 168 12.13 8.54 -7.86
CA TYR A 168 11.73 7.66 -6.79
C TYR A 168 12.68 7.91 -5.65
N GLY A 169 12.37 8.96 -4.88
CA GLY A 169 13.19 9.35 -3.74
C GLY A 169 12.53 9.02 -2.43
N SER A 170 12.72 9.89 -1.43
CA SER A 170 11.99 9.78 -0.16
C SER A 170 10.48 9.64 -0.45
N ALA A 171 10.03 10.37 -1.46
CA ALA A 171 8.72 10.15 -2.05
C ALA A 171 8.85 10.04 -3.56
N THR A 172 7.78 9.63 -4.22
CA THR A 172 7.80 9.62 -5.68
C THR A 172 7.14 10.86 -6.25
N MET A 173 7.84 11.48 -7.19
CA MET A 173 7.33 12.66 -7.86
C MET A 173 7.57 12.55 -9.34
N LEU A 174 6.55 12.88 -10.11
CA LEU A 174 6.65 13.05 -11.54
C LEU A 174 6.72 14.55 -11.83
N VAL A 175 7.75 14.95 -12.55
CA VAL A 175 7.92 16.33 -12.98
C VAL A 175 7.69 16.34 -14.49
N LEU A 176 6.72 17.11 -14.94
CA LEU A 176 6.36 17.12 -16.34
C LEU A 176 6.49 18.52 -16.90
N ALA A 177 7.33 18.65 -17.93
CA ALA A 177 7.55 19.90 -18.64
C ALA A 177 6.93 19.84 -20.03
N MET A 178 6.16 20.87 -20.37
CA MET A 178 5.54 20.99 -21.68
C MET A 178 5.58 22.46 -22.02
N ASP A 179 4.96 22.87 -23.12
CA ASP A 179 4.90 24.29 -23.47
C ASP A 179 4.47 25.21 -22.33
N CYS A 180 3.43 24.77 -21.62
CA CYS A 180 2.84 25.55 -20.53
C CYS A 180 3.77 25.74 -19.33
N GLY A 181 4.92 25.09 -19.36
CA GLY A 181 5.84 25.09 -18.22
C GLY A 181 6.01 23.75 -17.51
N VAL A 182 6.54 23.82 -16.29
CA VAL A 182 6.90 22.64 -15.51
C VAL A 182 5.95 22.50 -14.33
N ASN A 183 5.48 21.27 -14.09
CA ASN A 183 4.49 21.00 -13.05
C ASN A 183 4.92 19.74 -12.35
N CYS A 184 4.81 19.73 -11.03
CA CYS A 184 5.24 18.57 -10.25
C CYS A 184 4.05 17.91 -9.58
N PHE A 185 3.99 16.59 -9.72
CA PHE A 185 2.91 15.78 -9.22
C PHE A 185 3.51 14.82 -8.20
N MET A 186 2.93 14.76 -7.01
CA MET A 186 3.40 13.80 -6.04
C MET A 186 2.58 12.52 -6.13
N LEU A 187 3.26 11.38 -6.14
CA LEU A 187 2.58 10.08 -6.08
C LEU A 187 2.04 9.78 -4.68
N ASP A 188 0.71 9.71 -4.56
CA ASP A 188 0.07 9.22 -3.33
C ASP A 188 -0.09 7.70 -3.48
N PRO A 189 0.74 6.92 -2.76
CA PRO A 189 0.67 5.47 -2.95
C PRO A 189 -0.58 4.84 -2.30
N ALA A 190 -1.26 5.56 -1.43
CA ALA A 190 -2.50 5.07 -0.81
C ALA A 190 -3.58 4.90 -1.89
N ILE A 191 -3.51 5.72 -2.94
CA ILE A 191 -4.54 5.71 -3.97
C ILE A 191 -4.03 5.56 -5.39
N GLY A 192 -2.74 5.81 -5.60
CA GLY A 192 -2.15 5.64 -6.94
C GLY A 192 -2.53 6.77 -7.86
N GLU A 193 -2.49 7.98 -7.32
CA GLU A 193 -2.69 9.17 -8.11
C GLU A 193 -1.49 10.10 -7.92
N PHE A 194 -1.09 10.73 -9.01
CA PHE A 194 -0.11 11.79 -8.95
C PHE A 194 -0.87 13.09 -8.75
N ILE A 195 -0.73 13.70 -7.57
CA ILE A 195 -1.46 14.94 -7.25
C ILE A 195 -0.58 16.14 -7.59
N LEU A 196 -1.16 17.18 -8.18
CA LEU A 196 -0.40 18.41 -8.49
C LEU A 196 -0.04 19.23 -7.24
N VAL A 197 1.25 19.38 -6.95
CA VAL A 197 1.68 20.04 -5.71
C VAL A 197 2.52 21.31 -5.90
N ASP A 198 3.10 21.48 -7.07
CA ASP A 198 3.97 22.62 -7.37
C ASP A 198 3.71 23.04 -8.80
N LYS A 199 3.03 24.17 -8.98
CA LYS A 199 2.53 24.60 -10.26
C LYS A 199 3.47 25.60 -10.92
N ASP A 200 3.58 25.47 -12.25
CA ASP A 200 4.38 26.33 -13.11
C ASP A 200 5.71 26.71 -12.45
N VAL A 201 6.51 25.70 -12.13
CA VAL A 201 7.73 25.87 -11.35
C VAL A 201 8.77 26.65 -12.14
N LYS A 202 9.51 27.50 -11.41
CA LYS A 202 10.65 28.22 -11.94
C LYS A 202 11.86 27.95 -11.07
N ILE A 203 13.04 28.06 -11.64
CA ILE A 203 14.30 27.88 -10.89
C ILE A 203 14.77 29.23 -10.38
N LYS A 204 15.38 29.27 -9.20
CA LYS A 204 16.08 30.48 -8.74
C LYS A 204 17.01 30.94 -9.86
N LYS A 205 17.27 32.24 -9.90
CA LYS A 205 18.13 32.83 -10.92
C LYS A 205 19.58 32.44 -10.63
N LYS A 206 19.88 32.35 -9.34
CA LYS A 206 21.20 32.00 -8.85
C LYS A 206 20.98 31.12 -7.63
N GLY A 207 21.75 30.04 -7.52
CA GLY A 207 21.74 29.16 -6.33
C GLY A 207 23.05 29.29 -5.57
N LYS A 208 23.28 28.35 -4.65
CA LYS A 208 24.44 28.31 -3.76
C LYS A 208 24.97 26.87 -3.59
N ILE A 209 24.68 25.99 -4.54
CA ILE A 209 25.19 24.62 -4.52
C ILE A 209 25.78 24.30 -5.90
N TYR A 210 26.88 23.56 -5.94
CA TYR A 210 27.35 22.99 -7.20
C TYR A 210 27.39 21.48 -7.06
N SER A 211 27.23 20.79 -8.18
CA SER A 211 27.00 19.37 -8.14
C SER A 211 27.75 18.69 -9.28
N LEU A 212 28.83 17.98 -8.93
CA LEU A 212 29.55 17.16 -9.91
C LEU A 212 30.50 16.21 -9.19
N ASN A 213 30.94 15.17 -9.90
CA ASN A 213 31.89 14.23 -9.33
C ASN A 213 33.32 14.85 -9.25
N GLU A 214 33.63 15.47 -8.11
CA GLU A 214 34.97 16.05 -7.89
C GLU A 214 36.10 15.02 -7.76
N GLY A 215 35.74 13.74 -7.68
CA GLY A 215 36.74 12.68 -7.58
C GLY A 215 37.58 12.51 -8.82
N TYR A 216 37.01 12.82 -9.98
CA TYR A 216 37.78 12.76 -11.20
C TYR A 216 38.44 14.12 -11.53
N ALA A 217 38.83 14.83 -10.48
CA ALA A 217 39.40 16.20 -10.57
C ALA A 217 40.67 16.33 -11.42
N LYS A 218 41.48 15.28 -11.45
CA LYS A 218 42.73 15.31 -12.19
C LYS A 218 42.49 15.24 -13.69
N ASP A 219 41.26 14.88 -14.06
CA ASP A 219 40.87 14.79 -15.44
C ASP A 219 40.11 16.03 -15.89
N PHE A 220 39.90 16.96 -14.95
CA PHE A 220 39.14 18.17 -15.18
C PHE A 220 39.67 19.04 -16.30
N ASP A 221 38.74 19.50 -17.11
CA ASP A 221 38.96 20.51 -18.11
C ASP A 221 39.33 21.82 -17.39
N PRO A 222 40.30 22.59 -17.91
CA PRO A 222 40.80 23.72 -17.12
C PRO A 222 39.75 24.79 -16.83
N ALA A 223 38.71 24.86 -17.68
CA ALA A 223 37.57 25.74 -17.42
C ALA A 223 36.75 25.25 -16.22
N VAL A 224 36.53 23.93 -16.17
CA VAL A 224 35.82 23.27 -15.07
C VAL A 224 36.57 23.38 -13.73
N THR A 225 37.89 23.19 -13.76
CA THR A 225 38.74 23.46 -12.58
C THR A 225 38.58 24.91 -12.09
N GLU A 226 38.69 25.88 -13.00
CA GLU A 226 38.58 27.28 -12.63
C GLU A 226 37.24 27.62 -11.98
N TYR A 227 36.15 27.21 -12.61
CA TYR A 227 34.80 27.45 -12.05
C TYR A 227 34.57 26.82 -10.66
N ILE A 228 34.98 25.57 -10.48
CA ILE A 228 34.85 24.91 -9.18
C ILE A 228 35.73 25.56 -8.13
N GLN A 229 36.80 26.19 -8.58
CA GLN A 229 37.66 27.00 -7.72
C GLN A 229 37.01 28.34 -7.33
N ARG A 230 36.18 28.87 -8.22
CA ARG A 230 35.46 30.11 -7.95
C ARG A 230 34.37 29.84 -6.93
N LYS A 231 33.75 28.66 -7.02
CA LYS A 231 32.65 28.25 -6.14
C LYS A 231 33.13 28.03 -4.71
N LYS A 232 34.24 27.30 -4.58
CA LYS A 232 34.84 26.93 -3.28
C LYS A 232 35.67 28.05 -2.68
N PHE A 233 36.32 28.82 -3.54
CA PHE A 233 37.22 29.87 -3.12
C PHE A 233 36.84 31.17 -3.82
N PRO A 234 35.75 31.83 -3.35
CA PRO A 234 35.25 33.04 -4.00
C PRO A 234 36.35 34.09 -4.03
N PRO A 235 36.44 34.87 -5.12
CA PRO A 235 37.45 35.91 -5.17
C PRO A 235 36.94 37.27 -4.69
N ASP A 236 35.72 37.30 -4.14
CA ASP A 236 35.05 38.57 -3.86
C ASP A 236 34.31 38.60 -2.51
N ASN A 237 34.82 37.89 -1.52
CA ASN A 237 34.26 37.94 -0.17
C ASN A 237 32.90 37.24 -0.01
N SER A 238 32.27 36.84 -1.11
CA SER A 238 31.00 36.10 -1.02
C SER A 238 31.23 34.74 -0.33
N ALA A 239 30.15 34.06 0.01
CA ALA A 239 30.24 32.79 0.70
C ALA A 239 30.39 31.66 -0.31
N PRO A 240 31.30 30.71 -0.03
CA PRO A 240 31.44 29.56 -0.92
C PRO A 240 30.13 28.77 -1.05
N TYR A 241 29.94 28.13 -2.19
CA TYR A 241 28.79 27.29 -2.46
C TYR A 241 28.96 25.96 -1.74
N GLY A 242 27.84 25.38 -1.28
CA GLY A 242 27.86 24.02 -0.78
C GLY A 242 27.98 23.06 -1.94
N ALA A 243 28.53 21.89 -1.68
CA ALA A 243 28.61 20.84 -2.67
C ALA A 243 27.60 19.77 -2.32
N ARG A 244 26.99 19.18 -3.36
CA ARG A 244 26.06 18.08 -3.21
C ARG A 244 26.21 17.25 -4.48
N TYR A 245 26.32 15.93 -4.36
CA TYR A 245 26.35 15.05 -5.53
C TYR A 245 25.88 13.64 -5.18
N VAL A 246 24.61 13.37 -5.44
CA VAL A 246 24.01 12.08 -5.13
C VAL A 246 24.71 11.03 -5.98
N GLY A 247 25.06 11.43 -7.20
CA GLY A 247 25.62 10.54 -8.20
C GLY A 247 24.50 9.83 -8.95
N SER A 248 23.30 10.40 -8.89
CA SER A 248 22.13 9.85 -9.57
C SER A 248 21.42 11.02 -10.19
N MET A 249 21.46 11.10 -11.51
CA MET A 249 21.14 12.34 -12.26
C MET A 249 19.82 13.01 -11.86
N VAL A 250 18.80 12.20 -11.71
CA VAL A 250 17.44 12.68 -11.48
C VAL A 250 17.37 13.32 -10.10
N ALA A 251 18.07 12.76 -9.13
CA ALA A 251 18.10 13.30 -7.78
C ALA A 251 18.80 14.67 -7.72
N ASP A 252 19.92 14.78 -8.43
CA ASP A 252 20.71 16.00 -8.47
C ASP A 252 20.05 17.10 -9.32
N VAL A 253 19.51 16.73 -10.48
CA VAL A 253 18.75 17.67 -11.29
C VAL A 253 17.52 18.15 -10.53
N HIS A 254 16.81 17.24 -9.87
CA HIS A 254 15.62 17.69 -9.16
C HIS A 254 15.98 18.67 -8.06
N ARG A 255 17.00 18.33 -7.26
CA ARG A 255 17.53 19.23 -6.23
C ARG A 255 17.90 20.58 -6.87
N THR A 256 18.56 20.50 -8.03
CA THR A 256 18.91 21.70 -8.80
C THR A 256 17.65 22.55 -9.05
N LEU A 257 16.61 21.93 -9.60
CA LEU A 257 15.33 22.59 -9.90
C LEU A 257 14.66 23.19 -8.67
N VAL A 258 14.68 22.42 -7.58
CA VAL A 258 14.08 22.82 -6.30
C VAL A 258 14.88 23.88 -5.50
N TYR A 259 16.20 23.74 -5.37
CA TYR A 259 17.00 24.64 -4.52
C TYR A 259 17.91 25.65 -5.27
N GLY A 260 17.95 25.55 -6.59
CA GLY A 260 18.84 26.39 -7.37
C GLY A 260 20.24 25.81 -7.41
N GLY A 261 21.15 26.52 -8.08
CA GLY A 261 22.54 26.09 -8.26
C GLY A 261 22.83 25.45 -9.60
N ILE A 262 23.86 24.60 -9.63
CA ILE A 262 24.39 24.09 -10.90
C ILE A 262 24.73 22.59 -10.87
N PHE A 263 24.41 21.88 -11.95
CA PHE A 263 24.74 20.47 -12.08
C PHE A 263 25.70 20.26 -13.26
N LEU A 264 26.83 19.60 -13.01
CA LEU A 264 27.82 19.41 -14.07
C LEU A 264 28.14 17.94 -14.34
N TYR A 265 27.97 17.52 -15.59
CA TYR A 265 28.66 16.35 -16.10
C TYR A 265 29.45 16.66 -17.37
N PRO A 266 30.51 17.49 -17.25
CA PRO A 266 31.13 18.04 -18.45
C PRO A 266 31.99 17.04 -19.25
N ALA A 267 32.43 17.45 -20.42
CA ALA A 267 33.43 16.70 -21.17
C ALA A 267 34.80 17.02 -20.61
N ASN A 268 35.67 16.02 -20.51
CA ASN A 268 37.07 16.28 -20.15
C ASN A 268 38.01 16.02 -21.33
N LYS A 269 39.13 15.36 -21.08
CA LYS A 269 40.07 14.98 -22.15
C LYS A 269 39.88 13.52 -22.53
N LYS A 270 39.65 12.68 -21.52
CA LYS A 270 39.33 11.27 -21.65
C LYS A 270 37.90 11.01 -22.19
N SER A 271 37.03 12.00 -22.02
CA SER A 271 35.64 11.89 -22.48
C SER A 271 35.20 13.16 -23.22
N PRO A 272 35.66 13.34 -24.46
CA PRO A 272 35.36 14.54 -25.26
C PRO A 272 33.87 14.84 -25.45
N ASN A 273 33.01 13.86 -25.20
CA ASN A 273 31.57 14.06 -25.37
C ASN A 273 30.80 13.83 -24.07
N GLY A 274 31.51 13.87 -22.95
CA GLY A 274 30.90 13.58 -21.67
C GLY A 274 30.51 12.13 -21.52
N LYS A 275 29.56 11.86 -20.64
CA LYS A 275 29.22 10.51 -20.23
C LYS A 275 27.72 10.28 -20.39
N LEU A 276 26.93 11.30 -20.07
CA LEU A 276 25.47 11.18 -20.05
C LEU A 276 24.89 11.19 -21.46
N ARG A 277 23.86 10.39 -21.69
CA ARG A 277 23.32 10.19 -23.03
C ARG A 277 22.41 11.34 -23.46
N LEU A 278 22.57 11.78 -24.70
CA LEU A 278 21.84 12.96 -25.20
C LEU A 278 20.32 12.78 -25.24
N LEU A 279 19.86 11.72 -25.92
CA LEU A 279 18.43 11.55 -26.22
C LEU A 279 17.53 11.42 -24.98
N TYR A 280 17.92 10.53 -24.08
CA TYR A 280 17.02 10.12 -23.00
C TYR A 280 17.54 10.50 -21.64
N GLU A 281 18.63 11.27 -21.63
CA GLU A 281 19.16 11.81 -20.40
C GLU A 281 19.28 13.35 -20.46
N CYS A 282 20.20 13.85 -21.30
CA CYS A 282 20.48 15.29 -21.35
C CYS A 282 19.33 16.14 -21.90
N ASN A 283 18.68 15.66 -22.94
CA ASN A 283 17.64 16.47 -23.58
C ASN A 283 16.45 16.72 -22.67
N PRO A 284 15.88 15.67 -22.06
CA PRO A 284 14.67 15.94 -21.29
C PRO A 284 14.92 16.90 -20.13
N MET A 285 16.12 16.84 -19.57
CA MET A 285 16.49 17.60 -18.38
C MET A 285 16.79 19.06 -18.71
N ALA A 286 17.55 19.28 -19.78
CA ALA A 286 17.66 20.56 -20.47
C ALA A 286 16.29 21.19 -20.76
N TYR A 287 15.33 20.37 -21.22
CA TYR A 287 14.02 20.90 -21.61
C TYR A 287 13.25 21.31 -20.37
N VAL A 288 13.32 20.48 -19.33
CA VAL A 288 12.74 20.78 -18.04
C VAL A 288 13.38 22.06 -17.47
N MET A 289 14.72 22.11 -17.52
CA MET A 289 15.43 23.27 -17.02
C MET A 289 15.01 24.50 -17.78
N GLU A 290 15.07 24.45 -19.10
CA GLU A 290 14.71 25.64 -19.92
C GLU A 290 13.26 26.06 -19.74
N LYS A 291 12.34 25.10 -19.63
CA LYS A 291 10.95 25.46 -19.31
C LYS A 291 10.76 26.13 -17.94
N ALA A 292 11.62 25.82 -16.99
CA ALA A 292 11.58 26.46 -15.67
C ALA A 292 12.45 27.71 -15.56
N GLY A 293 12.81 28.30 -16.70
CA GLY A 293 13.63 29.52 -16.71
C GLY A 293 15.09 29.25 -16.36
N GLY A 294 15.51 28.01 -16.58
CA GLY A 294 16.90 27.61 -16.35
C GLY A 294 17.64 27.48 -17.66
N MET A 295 18.86 26.95 -17.58
CA MET A 295 19.73 26.81 -18.74
C MET A 295 20.39 25.43 -18.77
N ALA A 296 20.70 24.96 -19.97
CA ALA A 296 21.48 23.75 -20.14
C ALA A 296 22.36 23.85 -21.37
N THR A 297 23.67 23.74 -21.15
CA THR A 297 24.69 23.90 -22.20
C THR A 297 25.66 22.73 -22.15
N THR A 298 26.29 22.43 -23.27
CA THR A 298 27.34 21.41 -23.34
C THR A 298 28.69 22.06 -23.09
N GLY A 299 28.67 23.39 -23.05
CA GLY A 299 29.88 24.20 -23.10
C GLY A 299 29.94 24.98 -24.40
N LYS A 300 29.60 24.32 -25.51
CA LYS A 300 29.70 24.89 -26.86
C LYS A 300 28.35 25.44 -27.35
N GLU A 301 27.27 24.80 -26.93
CA GLU A 301 25.93 25.25 -27.32
C GLU A 301 24.84 24.75 -26.37
N ALA A 302 23.61 25.13 -26.68
CA ALA A 302 22.49 24.64 -25.92
C ALA A 302 22.39 23.16 -26.20
N VAL A 303 22.26 22.37 -25.14
CA VAL A 303 21.96 20.93 -25.27
C VAL A 303 20.86 20.70 -26.30
N LEU A 304 19.83 21.54 -26.25
CA LEU A 304 18.63 21.33 -27.05
C LEU A 304 18.85 21.64 -28.53
N ASP A 305 20.00 22.23 -28.85
CA ASP A 305 20.40 22.57 -30.21
C ASP A 305 21.24 21.45 -30.85
N VAL A 306 21.95 20.68 -30.03
CA VAL A 306 22.69 19.54 -30.54
C VAL A 306 21.78 18.75 -31.45
N ILE A 307 22.19 18.62 -32.71
CA ILE A 307 21.47 17.75 -33.65
C ILE A 307 22.14 16.38 -33.58
N PRO A 308 21.40 15.39 -33.03
CA PRO A 308 22.02 14.09 -32.77
C PRO A 308 22.18 13.30 -34.06
N THR A 309 23.11 12.35 -34.07
CA THR A 309 23.38 11.48 -35.21
C THR A 309 23.38 10.02 -34.74
N ASP A 310 23.43 9.82 -33.43
CA ASP A 310 23.35 8.47 -32.87
C ASP A 310 22.45 8.46 -31.63
N ILE A 311 21.45 7.60 -31.63
CA ILE A 311 20.52 7.53 -30.51
C ILE A 311 21.21 7.37 -29.15
N HIS A 312 22.31 6.64 -29.11
CA HIS A 312 23.00 6.43 -27.83
C HIS A 312 24.20 7.36 -27.65
N GLN A 313 24.24 8.42 -28.45
CA GLN A 313 25.34 9.37 -28.41
C GLN A 313 25.33 10.16 -27.12
N ARG A 314 26.52 10.42 -26.60
CA ARG A 314 26.72 11.12 -25.34
C ARG A 314 26.82 12.62 -25.55
N ALA A 315 26.54 13.37 -24.48
CA ALA A 315 26.66 14.83 -24.46
C ALA A 315 27.16 15.30 -23.09
N PRO A 316 27.94 16.39 -23.09
CA PRO A 316 28.27 17.13 -21.86
C PRO A 316 27.06 17.94 -21.43
N VAL A 317 26.89 18.15 -20.13
CA VAL A 317 25.78 18.95 -19.69
C VAL A 317 26.11 19.70 -18.42
N ILE A 318 26.02 21.03 -18.53
CA ILE A 318 26.06 21.94 -17.41
C ILE A 318 24.66 22.54 -17.41
N LEU A 319 23.95 22.39 -16.30
CA LEU A 319 22.61 22.92 -16.19
C LEU A 319 22.30 23.46 -14.81
N GLY A 320 21.36 24.41 -14.78
CA GLY A 320 20.81 24.88 -13.53
C GLY A 320 20.35 26.30 -13.63
N SER A 321 20.64 27.04 -12.57
CA SER A 321 20.33 28.45 -12.49
C SER A 321 20.99 29.17 -13.65
N PRO A 322 20.26 30.10 -14.28
CA PRO A 322 20.80 30.96 -15.37
C PRO A 322 22.09 31.70 -14.97
N ASP A 323 22.11 32.35 -13.80
CA ASP A 323 23.32 33.05 -13.37
C ASP A 323 24.53 32.12 -13.21
N ASP A 324 24.33 30.95 -12.61
CA ASP A 324 25.43 30.04 -12.35
C ASP A 324 25.99 29.47 -13.65
N VAL A 325 25.08 29.09 -14.57
CA VAL A 325 25.47 28.59 -15.88
C VAL A 325 26.18 29.70 -16.66
N LEU A 326 25.65 30.93 -16.60
CA LEU A 326 26.28 32.06 -17.27
C LEU A 326 27.74 32.11 -16.92
N GLU A 327 28.00 32.19 -15.60
CA GLU A 327 29.33 32.23 -15.02
C GLU A 327 30.21 31.07 -15.51
N PHE A 328 29.68 29.85 -15.53
CA PHE A 328 30.42 28.73 -16.11
C PHE A 328 30.82 29.02 -17.57
N LEU A 329 29.86 29.50 -18.37
CA LEU A 329 30.10 29.84 -19.78
C LEU A 329 31.13 30.95 -19.97
N LYS A 330 31.06 31.99 -19.13
CA LYS A 330 32.07 33.05 -19.11
C LYS A 330 33.45 32.44 -18.90
N VAL A 331 33.59 31.60 -17.89
CA VAL A 331 34.86 30.93 -17.57
C VAL A 331 35.30 29.98 -18.70
N TYR A 332 34.33 29.33 -19.33
CA TYR A 332 34.58 28.45 -20.44
C TYR A 332 35.14 29.20 -21.65
N GLU A 333 34.67 30.43 -21.84
CA GLU A 333 35.07 31.24 -22.99
C GLU A 333 36.37 32.00 -22.75
N LYS A 334 36.75 32.11 -21.48
CA LYS A 334 38.06 32.63 -21.07
C LYS A 334 39.14 31.62 -21.45
N HIS A 335 38.79 30.35 -21.47
CA HIS A 335 39.69 29.29 -21.91
C HIS A 335 39.44 28.97 -23.38
N SER A 336 38.42 29.62 -23.95
CA SER A 336 37.97 29.40 -25.32
C SER A 336 37.25 28.05 -25.43
N ALA A 337 37.81 27.00 -25.13
N ASP B 10 15.30 -20.03 5.36
CA ASP B 10 13.93 -19.50 5.65
C ASP B 10 13.90 -17.99 5.71
N VAL B 11 12.77 -17.43 5.33
CA VAL B 11 12.48 -16.03 5.55
C VAL B 11 12.56 -15.72 7.04
N ASN B 12 13.21 -14.60 7.34
CA ASN B 12 13.26 -14.06 8.68
C ASN B 12 12.80 -12.61 8.64
N THR B 13 12.16 -12.17 9.72
CA THR B 13 11.67 -10.81 9.84
C THR B 13 12.36 -10.17 11.03
N LEU B 14 12.29 -8.86 11.14
CA LEU B 14 12.88 -8.20 12.29
C LEU B 14 12.22 -8.71 13.57
N THR B 15 10.88 -8.81 13.55
CA THR B 15 10.12 -9.30 14.70
C THR B 15 10.63 -10.65 15.19
N ARG B 16 10.76 -11.60 14.26
CA ARG B 16 11.26 -12.95 14.53
C ARG B 16 12.72 -12.93 14.96
N PHE B 17 13.56 -12.25 14.17
CA PHE B 17 14.96 -12.10 14.50
C PHE B 17 15.19 -11.63 15.94
N VAL B 18 14.50 -10.56 16.35
CA VAL B 18 14.77 -9.92 17.65
C VAL B 18 14.33 -10.80 18.83
N MET B 19 13.19 -11.45 18.69
CA MET B 19 12.69 -12.41 19.68
C MET B 19 13.61 -13.61 19.82
N GLU B 20 14.23 -14.03 18.72
CA GLU B 20 15.13 -15.18 18.80
C GLU B 20 16.44 -14.81 19.51
N GLU B 21 17.02 -13.67 19.17
CA GLU B 21 18.23 -13.17 19.84
C GLU B 21 17.97 -12.95 21.34
N GLY B 22 16.84 -12.32 21.63
CA GLY B 22 16.38 -12.10 22.99
C GLY B 22 16.28 -13.37 23.82
N ARG B 23 15.67 -14.41 23.25
CA ARG B 23 15.57 -15.71 23.92
C ARG B 23 16.95 -16.36 24.18
N LYS B 24 17.91 -16.10 23.29
CA LYS B 24 19.27 -16.62 23.44
C LYS B 24 20.06 -15.90 24.54
N ALA B 25 19.81 -14.59 24.70
CA ALA B 25 20.42 -13.80 25.75
C ALA B 25 19.73 -14.06 27.08
N ARG B 26 18.65 -14.85 27.02
CA ARG B 26 17.79 -15.13 28.16
C ARG B 26 17.22 -13.86 28.80
N GLY B 27 17.19 -12.77 28.04
CA GLY B 27 16.63 -11.50 28.50
C GLY B 27 15.15 -11.56 28.78
N THR B 28 14.64 -10.55 29.49
CA THR B 28 13.24 -10.55 29.94
C THR B 28 12.24 -10.06 28.89
N GLY B 29 12.69 -9.24 27.95
CA GLY B 29 11.86 -8.82 26.80
C GLY B 29 11.78 -7.34 26.51
N GLU B 30 12.32 -6.51 27.40
CA GLU B 30 12.16 -5.05 27.25
C GLU B 30 12.74 -4.57 25.92
N LEU B 31 13.98 -4.96 25.64
CA LEU B 31 14.65 -4.54 24.42
C LEU B 31 13.85 -4.96 23.20
N THR B 32 13.34 -6.20 23.19
CA THR B 32 12.47 -6.63 22.11
C THR B 32 11.25 -5.68 21.94
N GLN B 33 10.57 -5.38 23.04
CA GLN B 33 9.42 -4.47 23.04
C GLN B 33 9.77 -3.04 22.56
N LEU B 34 10.97 -2.62 22.91
CA LEU B 34 11.52 -1.35 22.46
C LEU B 34 11.73 -1.37 20.94
N LEU B 35 12.45 -2.39 20.47
CA LEU B 35 12.79 -2.52 19.06
C LEU B 35 11.57 -2.78 18.19
N ASN B 36 10.59 -3.48 18.74
CA ASN B 36 9.34 -3.72 18.04
C ASN B 36 8.57 -2.40 17.84
N SER B 37 8.58 -1.57 18.87
CA SER B 37 7.86 -0.29 18.86
C SER B 37 8.52 0.75 17.94
N LEU B 38 9.85 0.79 17.98
CA LEU B 38 10.65 1.51 16.99
C LEU B 38 10.30 1.08 15.56
N CYS B 39 10.23 -0.23 15.31
CA CYS B 39 9.84 -0.80 14.01
C CYS B 39 8.47 -0.30 13.54
N THR B 40 7.48 -0.33 14.44
CA THR B 40 6.18 0.31 14.23
C THR B 40 6.30 1.78 13.80
N ALA B 41 6.97 2.57 14.65
CA ALA B 41 7.24 3.99 14.39
C ALA B 41 7.88 4.17 13.03
N VAL B 42 8.88 3.35 12.72
CA VAL B 42 9.63 3.48 11.48
C VAL B 42 8.72 3.22 10.24
N LYS B 43 7.89 2.19 10.31
CA LYS B 43 6.95 1.88 9.24
C LYS B 43 5.98 3.05 9.02
N ALA B 44 5.57 3.68 10.12
CA ALA B 44 4.63 4.77 10.06
C ALA B 44 5.29 6.04 9.54
N ILE B 45 6.57 6.23 9.87
CA ILE B 45 7.31 7.38 9.31
C ILE B 45 7.54 7.16 7.81
N SER B 46 7.86 5.92 7.43
CA SER B 46 8.00 5.55 6.02
C SER B 46 6.73 5.87 5.25
N SER B 47 5.61 5.47 5.82
CA SER B 47 4.32 5.74 5.23
C SER B 47 4.14 7.22 4.94
N ALA B 48 4.49 8.05 5.92
CA ALA B 48 4.29 9.50 5.83
C ALA B 48 5.27 10.16 4.86
N VAL B 49 6.54 9.73 4.94
CA VAL B 49 7.61 10.20 4.06
C VAL B 49 7.29 9.90 2.58
N ARG B 50 6.78 8.70 2.30
CA ARG B 50 6.42 8.34 0.93
C ARG B 50 5.08 8.98 0.49
N LYS B 51 4.58 9.89 1.34
CA LYS B 51 3.43 10.76 1.05
C LYS B 51 2.09 10.05 0.86
N ALA B 52 1.88 8.95 1.60
CA ALA B 52 0.62 8.23 1.57
C ALA B 52 -0.41 9.09 2.28
N GLY B 53 -1.48 9.44 1.59
CA GLY B 53 -2.48 10.34 2.17
C GLY B 53 -2.34 11.79 1.73
N ILE B 54 -1.29 12.10 0.97
CA ILE B 54 -1.08 13.48 0.55
C ILE B 54 -2.30 14.11 -0.16
N ALA B 55 -3.06 13.33 -0.93
CA ALA B 55 -4.24 13.84 -1.63
C ALA B 55 -5.23 14.52 -0.70
N HIS B 56 -5.39 13.95 0.50
CA HIS B 56 -6.20 14.51 1.59
C HIS B 56 -5.76 15.88 2.06
N LEU B 57 -4.46 16.15 1.98
CA LEU B 57 -3.95 17.47 2.29
C LEU B 57 -4.28 18.45 1.16
N TYR B 58 -4.40 17.92 -0.06
CA TYR B 58 -4.64 18.76 -1.22
C TYR B 58 -6.10 18.89 -1.62
N GLY B 59 -6.98 18.36 -0.77
CA GLY B 59 -8.41 18.62 -0.85
C GLY B 59 -9.22 17.62 -1.65
N ILE B 60 -8.80 16.36 -1.67
CA ILE B 60 -9.56 15.31 -2.38
C ILE B 60 -10.99 15.15 -1.82
N ALA B 61 -11.15 15.37 -0.52
CA ALA B 61 -12.48 15.34 0.12
C ALA B 61 -12.94 16.76 0.51
N GLY B 62 -12.36 17.78 -0.15
CA GLY B 62 -12.75 19.18 0.04
C GLY B 62 -12.38 19.74 1.40
N LYS B 73 6.65 19.76 9.60
CA LYS B 73 5.55 18.90 10.02
C LYS B 73 5.93 17.41 10.02
N LEU B 74 6.56 16.95 8.95
CA LEU B 74 6.99 15.55 8.85
C LEU B 74 8.03 15.23 9.91
N ASP B 75 8.96 16.15 10.15
CA ASP B 75 9.92 15.99 11.23
C ASP B 75 9.21 16.00 12.59
N VAL B 76 8.25 16.90 12.75
CA VAL B 76 7.42 16.94 13.94
C VAL B 76 6.64 15.63 14.15
N LEU B 77 5.92 15.17 13.13
CA LEU B 77 5.21 13.87 13.19
C LEU B 77 6.15 12.71 13.47
N SER B 78 7.31 12.72 12.82
CA SER B 78 8.33 11.69 13.03
C SER B 78 8.74 11.61 14.51
N ASN B 79 9.03 12.76 15.10
CA ASN B 79 9.29 12.84 16.55
C ASN B 79 8.15 12.24 17.39
N ASP B 80 6.91 12.58 17.06
CA ASP B 80 5.73 12.16 17.81
C ASP B 80 5.56 10.66 17.75
N LEU B 81 5.67 10.12 16.52
CA LEU B 81 5.66 8.66 16.32
C LEU B 81 6.69 7.92 17.20
N VAL B 82 7.96 8.29 17.10
CA VAL B 82 9.01 7.62 17.88
C VAL B 82 8.82 7.83 19.38
N MET B 83 8.67 9.10 19.78
CA MET B 83 8.39 9.49 21.17
C MET B 83 7.27 8.65 21.74
N ASN B 84 6.16 8.59 21.00
CA ASN B 84 5.01 7.87 21.47
C ASN B 84 5.14 6.36 21.48
N MET B 85 5.73 5.78 20.43
CA MET B 85 5.89 4.33 20.41
C MET B 85 6.91 3.88 21.47
N LEU B 86 7.91 4.72 21.71
CA LEU B 86 8.93 4.44 22.72
C LEU B 86 8.36 4.52 24.12
N LYS B 87 7.49 5.48 24.37
CA LYS B 87 6.91 5.59 25.70
C LYS B 87 5.99 4.39 25.97
N SER B 88 5.11 4.11 25.02
CA SER B 88 4.17 3.01 25.20
C SER B 88 4.84 1.63 25.25
N SER B 89 6.14 1.55 24.95
CA SER B 89 6.86 0.27 24.88
C SER B 89 7.10 -0.33 26.27
N PHE B 90 7.09 0.56 27.25
CA PHE B 90 7.37 0.20 28.64
C PHE B 90 8.85 -0.14 28.91
N ALA B 91 9.70 0.20 27.94
CA ALA B 91 11.12 -0.19 27.96
C ALA B 91 12.07 0.98 28.19
N THR B 92 11.56 2.20 28.04
CA THR B 92 12.45 3.35 28.08
C THR B 92 12.23 4.21 29.31
N CYS B 93 13.22 5.03 29.64
CA CYS B 93 13.10 5.92 30.79
C CYS B 93 13.59 7.32 30.49
N VAL B 94 14.57 7.43 29.60
CA VAL B 94 15.10 8.72 29.15
C VAL B 94 15.18 8.72 27.63
N LEU B 95 14.59 9.73 27.00
CA LEU B 95 14.51 9.77 25.54
C LEU B 95 15.13 11.06 25.04
N VAL B 96 16.21 10.95 24.25
CA VAL B 96 16.83 12.17 23.69
C VAL B 96 16.52 12.26 22.19
N SER B 97 15.91 13.36 21.80
CA SER B 97 15.67 13.63 20.40
C SER B 97 16.33 14.94 19.97
N GLU B 98 16.75 14.95 18.71
CA GLU B 98 17.26 16.13 18.04
C GLU B 98 16.21 17.24 18.00
N GLU B 99 14.93 16.86 17.90
CA GLU B 99 13.81 17.81 17.93
C GLU B 99 13.56 18.48 19.27
N ASP B 100 14.04 17.87 20.34
CA ASP B 100 13.65 18.25 21.67
C ASP B 100 14.84 18.85 22.40
N LYS B 101 14.61 19.99 23.05
CA LYS B 101 15.66 20.75 23.71
C LYS B 101 16.31 19.99 24.86
N HIS B 102 15.48 19.35 25.68
CA HIS B 102 15.95 18.61 26.84
C HIS B 102 15.56 17.15 26.69
N ALA B 103 16.19 16.26 27.45
CA ALA B 103 15.75 14.87 27.45
C ALA B 103 14.32 14.76 27.98
N ILE B 104 13.53 13.92 27.34
CA ILE B 104 12.20 13.63 27.82
C ILE B 104 12.34 12.54 28.90
N ILE B 105 11.76 12.78 30.07
CA ILE B 105 11.76 11.80 31.15
C ILE B 105 10.43 11.08 31.11
N VAL B 106 10.48 9.76 30.86
CA VAL B 106 9.27 8.91 30.75
C VAL B 106 8.52 8.79 32.08
N GLU B 107 7.18 8.83 32.06
CA GLU B 107 6.39 8.81 33.29
C GLU B 107 6.59 7.48 34.01
N PRO B 108 6.47 7.46 35.36
CA PRO B 108 6.93 6.26 36.06
C PRO B 108 6.14 5.01 35.67
N GLU B 109 4.86 5.18 35.38
CA GLU B 109 4.01 4.08 34.98
C GLU B 109 4.48 3.42 33.68
N LYS B 110 5.10 4.20 32.79
CA LYS B 110 5.57 3.68 31.49
C LYS B 110 7.07 3.39 31.43
N ARG B 111 7.75 3.60 32.56
CA ARG B 111 9.19 3.52 32.66
C ARG B 111 9.77 2.07 32.54
N GLY B 112 10.69 1.86 31.59
CA GLY B 112 11.48 0.65 31.46
C GLY B 112 12.96 0.98 31.64
N LYS B 113 13.85 0.04 31.29
CA LYS B 113 15.26 0.23 31.71
C LYS B 113 16.22 0.96 30.72
N TYR B 114 15.76 1.21 29.50
CA TYR B 114 16.64 1.70 28.46
C TYR B 114 16.54 3.21 28.19
N VAL B 115 17.68 3.79 27.82
CA VAL B 115 17.75 5.19 27.44
C VAL B 115 17.91 5.19 25.93
N VAL B 116 17.10 5.97 25.21
CA VAL B 116 17.17 6.01 23.75
C VAL B 116 17.48 7.43 23.24
N CYS B 117 18.54 7.55 22.43
CA CYS B 117 18.85 8.79 21.72
C CYS B 117 18.54 8.63 20.24
N PHE B 118 17.64 9.47 19.71
CA PHE B 118 17.27 9.32 18.32
C PHE B 118 17.24 10.62 17.55
N ASP B 119 17.39 10.49 16.24
CA ASP B 119 17.10 11.55 15.31
C ASP B 119 15.94 11.04 14.46
N PRO B 120 14.72 11.59 14.67
CA PRO B 120 13.51 10.98 14.10
C PRO B 120 13.38 11.08 12.59
N LEU B 121 13.86 12.18 12.03
CA LEU B 121 13.90 12.36 10.58
C LEU B 121 15.15 13.12 10.12
N ASP B 122 16.25 12.38 10.02
CA ASP B 122 17.53 12.96 9.61
C ASP B 122 17.50 13.19 8.11
N GLY B 123 18.08 14.31 7.68
CA GLY B 123 18.06 14.74 6.29
C GLY B 123 16.87 15.60 5.89
N SER B 124 15.88 15.73 6.79
CA SER B 124 14.61 16.38 6.47
C SER B 124 14.65 17.85 6.05
N SER B 125 15.59 18.63 6.60
CA SER B 125 15.65 20.08 6.27
C SER B 125 15.70 20.30 4.75
N ASN B 126 16.17 19.28 4.02
CA ASN B 126 16.16 19.24 2.56
C ASN B 126 15.16 18.21 1.97
N ILE B 127 14.15 17.85 2.74
CA ILE B 127 13.13 16.90 2.27
C ILE B 127 12.36 17.40 1.04
N ASP B 128 12.32 18.71 0.84
CA ASP B 128 11.59 19.32 -0.28
C ASP B 128 12.16 18.96 -1.65
N CYS B 129 13.41 18.50 -1.69
CA CYS B 129 13.97 18.00 -2.94
C CYS B 129 13.93 16.47 -3.01
N LEU B 130 13.19 15.87 -2.06
CA LEU B 130 12.95 14.41 -2.01
C LEU B 130 14.23 13.61 -1.84
N VAL B 131 15.19 14.23 -1.20
CA VAL B 131 16.42 13.59 -0.80
C VAL B 131 16.06 12.49 0.18
N SER B 132 16.84 11.41 0.13
CA SER B 132 16.74 10.30 1.07
C SER B 132 16.80 10.86 2.48
N VAL B 133 15.93 10.35 3.35
CA VAL B 133 15.90 10.69 4.76
C VAL B 133 15.94 9.40 5.56
N GLY B 134 16.10 9.53 6.88
CA GLY B 134 16.25 8.39 7.74
C GLY B 134 15.99 8.66 9.18
N THR B 135 15.89 7.59 9.95
CA THR B 135 15.77 7.69 11.40
C THR B 135 17.01 7.07 12.02
N ILE B 136 17.62 7.76 12.97
CA ILE B 136 18.83 7.25 13.66
C ILE B 136 18.50 7.06 15.14
N PHE B 137 18.95 5.96 15.71
CA PHE B 137 18.69 5.63 17.11
C PHE B 137 19.87 4.90 17.69
N GLY B 138 20.12 5.16 18.97
CA GLY B 138 21.12 4.45 19.75
C GLY B 138 20.51 4.18 21.12
N ILE B 139 20.67 2.96 21.59
CA ILE B 139 20.00 2.53 22.82
C ILE B 139 21.03 2.23 23.92
N TYR B 140 20.83 2.83 25.09
CA TYR B 140 21.67 2.60 26.26
C TYR B 140 20.83 1.99 27.36
N ARG B 141 21.41 1.08 28.13
CA ARG B 141 20.74 0.60 29.34
C ARG B 141 21.10 1.57 30.45
N LYS B 142 20.09 1.98 31.23
CA LYS B 142 20.37 2.79 32.41
C LYS B 142 20.70 1.86 33.58
N LYS B 143 21.92 1.96 34.08
CA LYS B 143 22.36 1.05 35.12
C LYS B 143 21.85 1.51 36.49
N SER B 144 22.09 2.79 36.79
CA SER B 144 21.96 3.40 38.14
C SER B 144 20.63 3.30 38.89
N THR B 145 20.69 3.49 40.21
CA THR B 145 19.51 3.43 41.09
C THR B 145 18.88 4.80 41.30
N ASP B 146 19.44 5.81 40.64
CA ASP B 146 18.91 7.16 40.66
C ASP B 146 17.65 7.23 39.81
N GLU B 147 16.79 8.19 40.13
CA GLU B 147 15.70 8.59 39.28
C GLU B 147 16.25 9.00 37.91
N PRO B 148 15.58 8.60 36.81
CA PRO B 148 16.07 8.95 35.48
C PRO B 148 16.20 10.48 35.27
N SER B 149 17.33 10.89 34.71
CA SER B 149 17.58 12.29 34.43
C SER B 149 18.21 12.41 33.07
N GLU B 150 18.34 13.63 32.57
CA GLU B 150 18.98 13.87 31.29
C GLU B 150 20.43 13.32 31.25
N LYS B 151 21.12 13.41 32.38
CA LYS B 151 22.47 12.88 32.58
C LYS B 151 22.66 11.37 32.30
N ASP B 152 21.58 10.61 32.41
CA ASP B 152 21.62 9.20 32.04
C ASP B 152 21.88 9.00 30.53
N ALA B 153 21.67 10.06 29.75
CA ALA B 153 21.97 10.00 28.33
C ALA B 153 23.45 10.26 28.02
N LEU B 154 24.16 10.85 28.99
CA LEU B 154 25.57 11.22 28.84
C LEU B 154 26.50 10.05 29.06
N GLN B 155 26.45 9.13 28.12
CA GLN B 155 27.23 7.91 28.15
C GLN B 155 28.12 7.92 26.90
N PRO B 156 29.33 7.31 26.96
CA PRO B 156 30.04 7.17 25.70
C PRO B 156 29.37 6.08 24.87
N GLY B 157 29.57 6.13 23.56
CA GLY B 157 28.93 5.24 22.60
C GLY B 157 29.33 3.79 22.75
N ARG B 158 30.54 3.54 23.26
CA ARG B 158 30.97 2.21 23.68
C ARG B 158 29.92 1.46 24.50
N ASN B 159 29.03 2.20 25.18
CA ASN B 159 28.05 1.59 26.12
C ASN B 159 26.76 1.19 25.43
N LEU B 160 26.66 1.46 24.14
CA LEU B 160 25.46 1.14 23.37
C LEU B 160 25.12 -0.34 23.41
N VAL B 161 23.82 -0.62 23.50
CA VAL B 161 23.29 -1.96 23.61
C VAL B 161 22.83 -2.39 22.22
N ALA B 162 22.25 -1.41 21.52
CA ALA B 162 21.77 -1.55 20.18
C ALA B 162 21.81 -0.19 19.52
N ALA B 163 22.06 -0.16 18.22
CA ALA B 163 21.95 1.06 17.44
C ALA B 163 21.63 0.73 16.01
N GLY B 164 21.09 1.69 15.30
CA GLY B 164 20.96 1.52 13.87
C GLY B 164 20.24 2.67 13.24
N TYR B 165 19.64 2.39 12.09
CA TYR B 165 18.90 3.38 11.32
C TYR B 165 17.91 2.74 10.37
N ALA B 166 16.89 3.51 10.02
CA ALA B 166 15.98 3.19 8.92
C ALA B 166 16.33 4.20 7.84
N LEU B 167 16.55 3.70 6.63
CA LEU B 167 16.74 4.57 5.49
C LEU B 167 15.50 4.59 4.61
N TYR B 168 14.90 5.77 4.46
CA TYR B 168 13.81 6.00 3.51
C TYR B 168 14.42 6.52 2.20
N GLY B 169 15.12 5.64 1.51
CA GLY B 169 15.68 5.93 0.19
C GLY B 169 14.69 5.53 -0.88
N SER B 170 15.20 5.01 -2.00
CA SER B 170 14.38 4.36 -3.03
C SER B 170 13.48 3.29 -2.41
N ALA B 171 14.01 2.66 -1.36
CA ALA B 171 13.28 1.68 -0.58
C ALA B 171 13.57 1.96 0.88
N THR B 172 12.83 1.30 1.77
CA THR B 172 13.05 1.49 3.18
C THR B 172 13.77 0.30 3.77
N MET B 173 14.91 0.57 4.39
CA MET B 173 15.68 -0.44 5.07
C MET B 173 16.01 -0.05 6.49
N LEU B 174 15.84 -0.99 7.40
CA LEU B 174 16.31 -0.87 8.76
C LEU B 174 17.62 -1.64 8.85
N VAL B 175 18.65 -0.96 9.34
CA VAL B 175 19.94 -1.57 9.64
C VAL B 175 20.03 -1.50 11.19
N LEU B 176 20.11 -2.68 11.81
CA LEU B 176 20.20 -2.81 13.27
C LEU B 176 21.54 -3.43 13.66
N ALA B 177 22.26 -2.73 14.53
CA ALA B 177 23.53 -3.22 15.04
C ALA B 177 23.36 -3.59 16.51
N MET B 178 23.91 -4.74 16.87
CA MET B 178 24.02 -5.18 18.25
C MET B 178 25.27 -6.03 18.30
N ASP B 179 25.64 -6.48 19.49
CA ASP B 179 26.81 -7.34 19.70
C ASP B 179 26.93 -8.48 18.69
N CYS B 180 25.80 -9.00 18.22
CA CYS B 180 25.79 -10.08 17.24
C CYS B 180 26.16 -9.60 15.81
N GLY B 181 26.48 -8.31 15.69
CA GLY B 181 26.88 -7.71 14.42
C GLY B 181 25.81 -6.83 13.78
N VAL B 182 25.93 -6.62 12.48
CA VAL B 182 24.99 -5.77 11.75
C VAL B 182 24.03 -6.61 10.88
N ASN B 183 22.76 -6.25 10.89
CA ASN B 183 21.75 -6.97 10.11
C ASN B 183 20.78 -6.03 9.42
N CYS B 184 20.56 -6.24 8.12
CA CYS B 184 19.79 -5.31 7.30
C CYS B 184 18.41 -5.83 6.91
N PHE B 185 17.39 -5.01 7.14
CA PHE B 185 16.01 -5.47 6.97
C PHE B 185 15.31 -4.56 5.99
N MET B 186 14.74 -5.15 4.95
CA MET B 186 14.04 -4.36 3.98
C MET B 186 12.59 -4.32 4.37
N LEU B 187 12.03 -3.13 4.37
CA LEU B 187 10.60 -3.00 4.52
C LEU B 187 9.87 -3.44 3.25
N ASP B 188 9.01 -4.43 3.38
CA ASP B 188 8.13 -4.77 2.28
C ASP B 188 6.86 -4.00 2.59
N PRO B 189 6.57 -2.96 1.80
CA PRO B 189 5.34 -2.19 1.99
C PRO B 189 4.05 -2.97 1.65
N ALA B 190 4.13 -4.04 0.87
CA ALA B 190 2.93 -4.84 0.57
C ALA B 190 2.32 -5.45 1.83
N ILE B 191 3.17 -5.88 2.76
CA ILE B 191 2.73 -6.49 4.02
C ILE B 191 3.16 -5.80 5.34
N GLY B 192 3.88 -4.67 5.25
CA GLY B 192 4.32 -3.96 6.44
C GLY B 192 5.19 -4.87 7.28
N GLU B 193 6.11 -5.53 6.59
CA GLU B 193 7.00 -6.44 7.23
C GLU B 193 8.42 -6.06 6.85
N PHE B 194 9.26 -5.97 7.88
CA PHE B 194 10.70 -5.81 7.74
C PHE B 194 11.28 -7.22 7.51
N ILE B 195 11.87 -7.41 6.34
CA ILE B 195 12.36 -8.71 5.90
C ILE B 195 13.89 -8.71 5.93
N LEU B 196 14.48 -9.66 6.66
CA LEU B 196 15.94 -9.75 6.71
C LEU B 196 16.54 -10.13 5.36
N VAL B 197 17.40 -9.27 4.82
CA VAL B 197 17.93 -9.46 3.47
C VAL B 197 19.47 -9.45 3.40
N ASP B 198 20.13 -9.10 4.51
CA ASP B 198 21.60 -9.07 4.54
C ASP B 198 22.08 -9.30 5.96
N LYS B 199 22.38 -10.58 6.23
CA LYS B 199 22.79 -11.06 7.54
C LYS B 199 24.27 -10.79 7.83
N ASP B 200 24.55 -10.56 9.12
CA ASP B 200 25.90 -10.31 9.61
C ASP B 200 26.79 -9.59 8.61
N VAL B 201 26.40 -8.35 8.32
CA VAL B 201 27.02 -7.48 7.33
C VAL B 201 28.40 -7.06 7.78
N LYS B 202 29.32 -6.99 6.82
CA LYS B 202 30.68 -6.53 7.08
C LYS B 202 31.04 -5.59 5.93
N ILE B 203 31.60 -4.45 6.29
CA ILE B 203 31.98 -3.44 5.32
C ILE B 203 33.29 -3.81 4.62
N LYS B 204 33.42 -3.42 3.35
CA LYS B 204 34.68 -3.64 2.61
C LYS B 204 35.89 -3.09 3.38
N LYS B 205 37.00 -3.82 3.30
CA LYS B 205 38.24 -3.40 3.96
C LYS B 205 38.67 -2.04 3.47
N LYS B 206 38.62 -1.85 2.16
CA LYS B 206 38.89 -0.58 1.51
C LYS B 206 37.89 -0.36 0.38
N GLY B 207 37.43 0.89 0.25
CA GLY B 207 36.51 1.31 -0.78
C GLY B 207 37.17 2.28 -1.75
N LYS B 208 36.36 2.98 -2.54
CA LYS B 208 36.87 3.84 -3.61
C LYS B 208 35.98 5.06 -3.79
N ILE B 209 35.13 5.33 -2.79
CA ILE B 209 34.35 6.56 -2.76
C ILE B 209 34.65 7.33 -1.48
N TYR B 210 34.80 8.63 -1.58
CA TYR B 210 34.89 9.49 -0.40
C TYR B 210 33.69 10.44 -0.36
N SER B 211 33.29 10.81 0.85
CA SER B 211 32.04 11.52 1.03
C SER B 211 32.16 12.71 2.01
N LEU B 212 32.07 13.91 1.48
CA LEU B 212 32.03 15.10 2.32
C LEU B 212 31.65 16.31 1.52
N ASN B 213 31.19 17.34 2.21
CA ASN B 213 30.80 18.58 1.59
C ASN B 213 32.07 19.33 1.28
N GLU B 214 32.49 19.33 0.03
CA GLU B 214 33.72 19.99 -0.37
C GLU B 214 33.56 21.49 -0.59
N GLY B 215 32.36 22.02 -0.35
CA GLY B 215 32.14 23.46 -0.35
C GLY B 215 32.81 24.13 0.83
N TYR B 216 33.16 23.32 1.84
CA TYR B 216 33.84 23.85 3.02
C TYR B 216 35.35 23.78 2.89
N ALA B 217 35.84 23.54 1.68
CA ALA B 217 37.28 23.41 1.39
C ALA B 217 38.14 24.49 2.05
N LYS B 218 37.68 25.73 1.90
CA LYS B 218 38.28 26.90 2.53
C LYS B 218 38.47 26.73 4.03
N ASP B 219 37.56 26.01 4.68
CA ASP B 219 37.56 25.83 6.14
C ASP B 219 38.34 24.63 6.66
N PHE B 220 38.60 23.66 5.79
CA PHE B 220 39.21 22.41 6.23
C PHE B 220 40.54 22.57 6.96
N ASP B 221 40.80 21.66 7.91
CA ASP B 221 42.12 21.51 8.50
C ASP B 221 43.05 20.94 7.41
N PRO B 222 44.38 21.13 7.56
CA PRO B 222 45.33 20.62 6.56
C PRO B 222 45.28 19.10 6.38
N ALA B 223 44.86 18.39 7.43
CA ALA B 223 44.79 16.93 7.41
C ALA B 223 43.74 16.45 6.42
N VAL B 224 42.56 17.06 6.45
CA VAL B 224 41.46 16.75 5.53
C VAL B 224 41.85 17.22 4.13
N THR B 225 42.45 18.39 4.02
CA THR B 225 42.88 18.90 2.71
C THR B 225 43.77 17.87 1.98
N GLU B 226 44.84 17.46 2.67
CA GLU B 226 45.80 16.47 2.16
C GLU B 226 45.17 15.12 1.86
N TYR B 227 44.23 14.69 2.70
CA TYR B 227 43.58 13.40 2.50
C TYR B 227 42.73 13.35 1.22
N ILE B 228 41.96 14.40 0.99
CA ILE B 228 41.13 14.49 -0.20
C ILE B 228 42.03 14.64 -1.41
N GLN B 229 43.17 15.31 -1.21
CA GLN B 229 44.18 15.46 -2.26
C GLN B 229 44.69 14.11 -2.71
N ARG B 230 44.92 13.21 -1.75
CA ARG B 230 45.27 11.83 -2.03
C ARG B 230 44.18 11.11 -2.80
N LYS B 231 42.94 11.51 -2.59
CA LYS B 231 41.84 10.79 -3.16
C LYS B 231 41.70 11.06 -4.64
N LYS B 232 41.88 12.32 -5.03
CA LYS B 232 41.79 12.70 -6.43
C LYS B 232 43.09 12.42 -7.21
N PHE B 233 44.21 12.38 -6.49
CA PHE B 233 45.54 12.22 -7.08
C PHE B 233 46.32 11.15 -6.32
N PRO B 234 46.00 9.86 -6.54
CA PRO B 234 46.55 8.78 -5.71
C PRO B 234 48.10 8.75 -5.70
N PRO B 235 48.70 8.58 -4.51
CA PRO B 235 50.17 8.51 -4.41
C PRO B 235 50.77 7.24 -5.03
N ASP B 236 50.03 6.13 -4.94
CA ASP B 236 50.47 4.85 -5.49
C ASP B 236 49.98 4.56 -6.90
N ASN B 237 49.57 5.60 -7.63
CA ASN B 237 49.17 5.41 -9.03
C ASN B 237 47.90 4.55 -9.19
N SER B 238 47.15 4.34 -8.11
CA SER B 238 45.83 3.70 -8.23
C SER B 238 44.83 4.69 -8.83
N ALA B 239 43.60 4.25 -9.06
CA ALA B 239 42.58 5.10 -9.65
C ALA B 239 42.07 6.11 -8.62
N PRO B 240 41.77 7.35 -9.07
CA PRO B 240 41.22 8.28 -8.09
C PRO B 240 39.86 7.79 -7.59
N TYR B 241 39.59 8.06 -6.32
CA TYR B 241 38.31 7.76 -5.71
C TYR B 241 37.21 8.60 -6.38
N GLY B 242 36.04 8.02 -6.56
CA GLY B 242 34.85 8.80 -6.92
C GLY B 242 34.30 9.51 -5.69
N ALA B 243 33.43 10.48 -5.90
CA ALA B 243 32.95 11.32 -4.81
C ALA B 243 31.45 11.31 -4.88
N ARG B 244 30.83 11.34 -3.69
CA ARG B 244 29.39 11.26 -3.53
C ARG B 244 29.11 11.91 -2.20
N TYR B 245 28.12 12.80 -2.18
CA TYR B 245 27.66 13.41 -0.95
C TYR B 245 26.21 13.75 -1.12
N VAL B 246 25.36 12.85 -0.63
CA VAL B 246 23.94 13.09 -0.64
C VAL B 246 23.62 14.38 0.12
N GLY B 247 24.27 14.58 1.27
CA GLY B 247 23.97 15.72 2.12
C GLY B 247 22.99 15.32 3.19
N SER B 248 22.60 14.04 3.14
CA SER B 248 21.77 13.41 4.14
C SER B 248 22.54 12.23 4.71
N MET B 249 22.88 12.31 6.00
CA MET B 249 23.83 11.39 6.62
C MET B 249 23.47 9.91 6.48
N VAL B 250 22.21 9.55 6.68
CA VAL B 250 21.81 8.12 6.62
C VAL B 250 22.09 7.54 5.24
N ALA B 251 21.71 8.29 4.20
CA ALA B 251 22.04 7.97 2.82
C ALA B 251 23.56 7.83 2.59
N ASP B 252 24.36 8.73 3.15
CA ASP B 252 25.81 8.67 2.91
C ASP B 252 26.46 7.54 3.71
N VAL B 253 26.01 7.38 4.95
CA VAL B 253 26.52 6.31 5.77
C VAL B 253 26.08 4.96 5.21
N HIS B 254 24.85 4.86 4.72
CA HIS B 254 24.43 3.58 4.15
C HIS B 254 25.26 3.17 2.95
N ARG B 255 25.40 4.08 1.99
CA ARG B 255 26.17 3.80 0.80
C ARG B 255 27.58 3.38 1.23
N THR B 256 28.17 4.12 2.16
CA THR B 256 29.46 3.75 2.75
C THR B 256 29.47 2.33 3.29
N LEU B 257 28.46 1.95 4.06
CA LEU B 257 28.34 0.58 4.54
C LEU B 257 28.25 -0.40 3.36
N VAL B 258 27.45 -0.04 2.36
CA VAL B 258 27.19 -0.92 1.22
C VAL B 258 28.34 -1.07 0.22
N TYR B 259 28.90 0.04 -0.21
CA TYR B 259 29.89 0.02 -1.28
C TYR B 259 31.31 0.17 -0.80
N GLY B 260 31.45 0.49 0.49
CA GLY B 260 32.75 0.80 1.07
C GLY B 260 33.11 2.25 0.89
N GLY B 261 34.27 2.62 1.44
CA GLY B 261 34.74 3.99 1.37
C GLY B 261 34.64 4.70 2.69
N ILE B 262 34.49 6.02 2.62
CA ILE B 262 34.72 6.86 3.79
C ILE B 262 33.78 8.07 3.75
N PHE B 263 33.31 8.45 4.93
CA PHE B 263 32.42 9.56 5.08
C PHE B 263 33.07 10.46 6.09
N LEU B 264 33.06 11.76 5.79
CA LEU B 264 33.66 12.75 6.66
C LEU B 264 32.69 13.90 6.89
N TYR B 265 32.46 14.25 8.15
CA TYR B 265 32.04 15.62 8.44
C TYR B 265 33.01 16.28 9.40
N PRO B 266 34.11 16.83 8.86
CA PRO B 266 35.10 17.44 9.72
C PRO B 266 34.66 18.83 10.20
N ALA B 267 35.35 19.34 11.21
CA ALA B 267 35.08 20.69 11.70
C ALA B 267 35.20 21.69 10.55
N ASN B 268 34.34 22.71 10.53
CA ASN B 268 34.55 23.88 9.68
C ASN B 268 34.50 25.19 10.49
N LYS B 269 34.48 26.33 9.80
CA LYS B 269 34.45 27.65 10.47
C LYS B 269 33.19 27.83 11.31
N LYS B 270 32.05 27.52 10.69
CA LYS B 270 30.74 27.60 11.31
C LYS B 270 30.41 26.37 12.17
N SER B 271 31.32 25.41 12.17
CA SER B 271 31.17 24.21 12.99
C SER B 271 32.51 23.72 13.54
N PRO B 272 33.08 24.46 14.54
CA PRO B 272 34.40 24.15 15.07
C PRO B 272 34.50 22.83 15.80
N ASN B 273 33.36 22.23 16.16
CA ASN B 273 33.30 20.88 16.72
C ASN B 273 32.53 19.92 15.79
N GLY B 274 32.48 20.27 14.51
CA GLY B 274 31.65 19.55 13.58
C GLY B 274 30.21 20.01 13.68
N LYS B 275 29.40 19.60 12.73
CA LYS B 275 27.99 19.99 12.73
C LYS B 275 27.13 18.81 13.22
N LEU B 276 27.62 17.60 13.01
CA LEU B 276 26.88 16.40 13.42
C LEU B 276 26.90 16.20 14.94
N ARG B 277 25.73 15.86 15.48
CA ARG B 277 25.52 15.67 16.91
C ARG B 277 25.96 14.29 17.35
N LEU B 278 26.70 14.22 18.47
CA LEU B 278 27.31 12.97 18.94
C LEU B 278 26.32 11.80 19.23
N LEU B 279 25.29 12.09 20.04
CA LEU B 279 24.49 11.05 20.69
C LEU B 279 23.57 10.25 19.78
N TYR B 280 23.02 10.92 18.78
CA TYR B 280 22.00 10.31 17.95
C TYR B 280 22.25 10.47 16.46
N GLU B 281 23.47 10.90 16.11
CA GLU B 281 23.91 10.87 14.75
C GLU B 281 25.21 10.10 14.67
N CYS B 282 26.23 10.63 15.35
CA CYS B 282 27.59 10.05 15.36
C CYS B 282 27.70 8.68 16.01
N ASN B 283 27.27 8.57 17.26
CA ASN B 283 27.42 7.34 18.03
C ASN B 283 26.75 6.12 17.36
N PRO B 284 25.47 6.22 16.97
CA PRO B 284 24.85 5.08 16.32
C PRO B 284 25.52 4.66 15.00
N MET B 285 26.01 5.63 14.23
CA MET B 285 26.63 5.33 12.96
C MET B 285 28.04 4.82 13.18
N ALA B 286 28.65 5.23 14.26
CA ALA B 286 29.97 4.75 14.61
C ALA B 286 29.89 3.33 15.13
N TYR B 287 28.79 3.04 15.84
CA TYR B 287 28.51 1.71 16.39
C TYR B 287 28.23 0.75 15.26
N VAL B 288 27.30 1.11 14.39
CA VAL B 288 27.01 0.29 13.23
C VAL B 288 28.32 -0.06 12.52
N MET B 289 29.12 0.97 12.23
CA MET B 289 30.36 0.82 11.47
C MET B 289 31.27 -0.18 12.13
N GLU B 290 31.60 0.09 13.39
CA GLU B 290 32.48 -0.79 14.18
C GLU B 290 31.96 -2.22 14.20
N LYS B 291 30.67 -2.38 14.45
CA LYS B 291 30.03 -3.70 14.40
C LYS B 291 30.14 -4.37 13.02
N ALA B 292 30.27 -3.55 11.99
CA ALA B 292 30.46 -4.04 10.62
C ALA B 292 31.94 -4.13 10.26
N GLY B 293 32.82 -3.88 11.24
CA GLY B 293 34.25 -4.01 11.02
C GLY B 293 34.82 -2.81 10.29
N GLY B 294 34.07 -1.71 10.27
CA GLY B 294 34.56 -0.43 9.81
C GLY B 294 35.05 0.37 11.00
N MET B 295 35.38 1.64 10.78
CA MET B 295 35.88 2.52 11.85
C MET B 295 35.20 3.87 11.89
N ALA B 296 35.29 4.53 13.04
CA ALA B 296 34.80 5.90 13.23
C ALA B 296 35.60 6.66 14.26
N THR B 297 36.16 7.78 13.81
CA THR B 297 37.06 8.59 14.60
C THR B 297 36.64 10.07 14.56
N THR B 298 37.03 10.80 15.60
CA THR B 298 36.92 12.27 15.58
C THR B 298 38.22 12.88 15.01
N GLY B 299 39.18 12.00 14.76
CA GLY B 299 40.55 12.38 14.43
C GLY B 299 41.47 12.11 15.61
N LYS B 300 41.03 12.53 16.79
CA LYS B 300 41.83 12.50 18.03
C LYS B 300 41.59 11.23 18.81
N GLU B 301 40.39 10.68 18.62
CA GLU B 301 39.94 9.48 19.33
C GLU B 301 38.74 8.91 18.60
N ALA B 302 38.35 7.70 18.98
CA ALA B 302 37.21 7.03 18.39
C ALA B 302 35.94 7.76 18.81
N VAL B 303 34.94 7.80 17.94
CA VAL B 303 33.69 8.48 18.32
C VAL B 303 33.12 7.81 19.58
N LEU B 304 33.06 6.47 19.59
CA LEU B 304 32.46 5.74 20.70
C LEU B 304 33.15 5.96 22.05
N ASP B 305 34.32 6.58 22.03
CA ASP B 305 35.06 6.84 23.27
C ASP B 305 34.84 8.24 23.81
N VAL B 306 34.24 9.13 23.00
CA VAL B 306 33.90 10.47 23.45
C VAL B 306 32.82 10.42 24.54
N ILE B 307 33.15 10.96 25.71
CA ILE B 307 32.21 11.04 26.81
C ILE B 307 31.50 12.39 26.73
N PRO B 308 30.19 12.39 26.41
CA PRO B 308 29.50 13.65 26.21
C PRO B 308 29.18 14.39 27.50
N THR B 309 29.07 15.72 27.40
CA THR B 309 28.74 16.59 28.55
C THR B 309 27.48 17.40 28.27
N ASP B 310 27.02 17.33 27.02
CA ASP B 310 25.78 17.97 26.59
C ASP B 310 25.08 16.97 25.67
N ILE B 311 23.77 16.80 25.83
CA ILE B 311 23.05 15.84 24.99
C ILE B 311 22.99 16.18 23.50
N HIS B 312 23.20 17.46 23.15
CA HIS B 312 23.24 17.89 21.74
C HIS B 312 24.63 18.30 21.27
N GLN B 313 25.67 17.82 21.93
CA GLN B 313 27.02 18.21 21.58
C GLN B 313 27.39 17.68 20.20
N ARG B 314 28.18 18.46 19.48
CA ARG B 314 28.60 18.13 18.13
C ARG B 314 29.95 17.44 18.11
N ALA B 315 30.16 16.59 17.11
CA ALA B 315 31.43 15.88 16.95
C ALA B 315 31.81 15.79 15.48
N PRO B 316 33.12 15.97 15.18
CA PRO B 316 33.65 15.59 13.88
C PRO B 316 33.53 14.06 13.72
N VAL B 317 33.45 13.58 12.50
CA VAL B 317 33.27 12.15 12.26
C VAL B 317 33.87 11.80 10.93
N ILE B 318 34.72 10.80 10.95
CA ILE B 318 35.33 10.25 9.76
C ILE B 318 35.07 8.78 9.97
N LEU B 319 34.36 8.18 9.04
CA LEU B 319 33.91 6.84 9.26
C LEU B 319 33.87 6.08 7.98
N GLY B 320 34.10 4.79 8.06
CA GLY B 320 33.94 3.97 6.89
C GLY B 320 34.85 2.77 6.93
N SER B 321 35.29 2.38 5.75
CA SER B 321 36.13 1.22 5.56
C SER B 321 37.40 1.38 6.38
N PRO B 322 37.81 0.31 7.08
CA PRO B 322 38.97 0.39 7.98
C PRO B 322 40.24 0.91 7.32
N ASP B 323 40.55 0.48 6.10
CA ASP B 323 41.75 0.93 5.38
C ASP B 323 41.73 2.41 5.06
N ASP B 324 40.55 2.90 4.65
CA ASP B 324 40.35 4.31 4.30
C ASP B 324 40.47 5.22 5.51
N VAL B 325 39.88 4.77 6.61
CA VAL B 325 39.89 5.51 7.85
C VAL B 325 41.30 5.55 8.46
N LEU B 326 42.04 4.44 8.38
CA LEU B 326 43.41 4.42 8.90
C LEU B 326 44.32 5.29 8.06
N GLU B 327 44.01 5.39 6.77
CA GLU B 327 44.71 6.29 5.87
C GLU B 327 44.40 7.75 6.12
N PHE B 328 43.21 8.06 6.61
CA PHE B 328 42.93 9.43 7.03
C PHE B 328 43.72 9.80 8.28
N LEU B 329 43.67 8.92 9.28
CA LEU B 329 44.38 9.12 10.54
C LEU B 329 45.87 9.11 10.30
N LYS B 330 46.33 8.26 9.39
CA LYS B 330 47.74 8.29 9.00
C LYS B 330 48.11 9.74 8.73
N VAL B 331 47.34 10.37 7.84
CA VAL B 331 47.52 11.76 7.45
C VAL B 331 47.27 12.70 8.62
N TYR B 332 46.18 12.45 9.38
CA TYR B 332 45.87 13.27 10.56
C TYR B 332 47.09 13.31 11.48
N GLU B 333 47.64 12.13 11.73
CA GLU B 333 48.81 11.90 12.58
C GLU B 333 50.08 12.55 12.03
N LYS B 334 50.12 12.81 10.74
CA LYS B 334 51.24 13.54 10.16
C LYS B 334 51.17 15.01 10.58
N HIS B 335 49.98 15.59 10.53
CA HIS B 335 49.78 17.00 10.88
C HIS B 335 49.63 17.20 12.39
N SER B 336 49.89 16.11 13.12
CA SER B 336 49.81 16.05 14.57
C SER B 336 48.46 15.53 15.01
N ALA B 337 47.41 16.18 14.87
N ASP C 10 -3.90 -7.24 -24.44
CA ASP C 10 -3.02 -6.20 -23.81
C ASP C 10 -3.69 -5.52 -22.63
N VAL C 11 -2.88 -5.18 -21.62
CA VAL C 11 -3.37 -4.57 -20.38
C VAL C 11 -4.25 -3.35 -20.64
N ASN C 12 -5.49 -3.42 -20.18
CA ASN C 12 -6.39 -2.30 -20.28
C ASN C 12 -6.82 -1.87 -18.91
N THR C 13 -6.87 -0.56 -18.72
CA THR C 13 -7.16 0.07 -17.45
C THR C 13 -8.37 0.97 -17.64
N LEU C 14 -9.11 1.23 -16.58
CA LEU C 14 -10.28 2.10 -16.69
C LEU C 14 -9.94 3.41 -17.43
N THR C 15 -8.91 4.12 -17.00
CA THR C 15 -8.51 5.38 -17.63
C THR C 15 -8.30 5.25 -19.13
N ARG C 16 -7.56 4.21 -19.54
CA ARG C 16 -7.35 3.89 -20.94
C ARG C 16 -8.65 3.49 -21.68
N PHE C 17 -9.43 2.60 -21.07
CA PHE C 17 -10.69 2.13 -21.64
C PHE C 17 -11.67 3.26 -21.87
N VAL C 18 -11.81 4.12 -20.86
CA VAL C 18 -12.73 5.23 -20.88
C VAL C 18 -12.40 6.19 -22.03
N MET C 19 -11.15 6.66 -22.08
CA MET C 19 -10.68 7.55 -23.14
C MET C 19 -10.96 6.99 -24.54
N GLU C 20 -10.61 5.73 -24.76
CA GLU C 20 -10.82 5.14 -26.07
C GLU C 20 -12.28 5.06 -26.48
N GLU C 21 -13.15 4.73 -25.53
CA GLU C 21 -14.59 4.75 -25.75
C GLU C 21 -15.11 6.16 -26.10
N GLY C 22 -14.58 7.16 -25.43
CA GLY C 22 -14.94 8.56 -25.69
C GLY C 22 -14.50 9.06 -27.06
N ARG C 23 -13.23 8.81 -27.41
CA ARG C 23 -12.71 9.14 -28.74
C ARG C 23 -13.47 8.39 -29.83
N LYS C 24 -13.90 7.17 -29.51
CA LYS C 24 -14.67 6.34 -30.44
C LYS C 24 -16.05 6.92 -30.69
N ALA C 25 -16.65 7.52 -29.66
CA ALA C 25 -17.98 8.11 -29.77
C ALA C 25 -17.86 9.58 -30.18
N ARG C 26 -16.62 10.06 -30.21
CA ARG C 26 -16.27 11.40 -30.65
C ARG C 26 -16.80 12.44 -29.67
N GLY C 27 -16.86 12.08 -28.40
CA GLY C 27 -17.31 12.99 -27.37
C GLY C 27 -16.25 14.03 -27.05
N THR C 28 -16.65 15.08 -26.35
CA THR C 28 -15.73 16.15 -26.01
C THR C 28 -14.89 15.81 -24.78
N GLY C 29 -15.32 14.80 -24.00
CA GLY C 29 -14.54 14.28 -22.88
C GLY C 29 -15.11 14.58 -21.50
N GLU C 30 -16.31 15.16 -21.46
CA GLU C 30 -16.95 15.50 -20.20
C GLU C 30 -17.26 14.23 -19.37
N LEU C 31 -17.78 13.21 -20.03
CA LEU C 31 -18.06 11.92 -19.35
C LEU C 31 -16.76 11.23 -18.87
N THR C 32 -15.69 11.43 -19.62
CA THR C 32 -14.37 10.91 -19.24
C THR C 32 -13.79 11.62 -18.00
N GLN C 33 -13.90 12.96 -17.94
CA GLN C 33 -13.46 13.71 -16.76
C GLN C 33 -14.22 13.27 -15.52
N LEU C 34 -15.53 13.10 -15.66
CA LEU C 34 -16.39 12.63 -14.58
C LEU C 34 -15.98 11.23 -14.14
N LEU C 35 -15.90 10.30 -15.10
CA LEU C 35 -15.56 8.90 -14.79
C LEU C 35 -14.15 8.79 -14.21
N ASN C 36 -13.21 9.58 -14.69
CA ASN C 36 -11.90 9.66 -14.05
C ASN C 36 -11.96 10.20 -12.61
N SER C 37 -12.81 11.22 -12.40
CA SER C 37 -13.03 11.77 -11.07
C SER C 37 -13.69 10.80 -10.11
N LEU C 38 -14.55 9.93 -10.64
CA LEU C 38 -15.21 8.91 -9.84
C LEU C 38 -14.20 7.81 -9.50
N CYS C 39 -13.36 7.49 -10.48
CA CYS C 39 -12.35 6.47 -10.29
C CYS C 39 -11.44 6.82 -9.13
N THR C 40 -10.98 8.07 -9.10
CA THR C 40 -10.10 8.57 -8.04
C THR C 40 -10.78 8.46 -6.69
N ALA C 41 -11.98 9.02 -6.59
CA ALA C 41 -12.72 9.00 -5.35
C ALA C 41 -12.87 7.58 -4.82
N VAL C 42 -13.18 6.65 -5.71
CA VAL C 42 -13.34 5.24 -5.38
C VAL C 42 -12.08 4.54 -4.81
N LYS C 43 -10.92 4.81 -5.39
CA LYS C 43 -9.63 4.36 -4.83
C LYS C 43 -9.41 5.04 -3.45
N ALA C 44 -9.84 6.28 -3.32
CA ALA C 44 -9.77 6.95 -2.04
C ALA C 44 -10.72 6.30 -1.04
N ILE C 45 -11.89 5.85 -1.53
CA ILE C 45 -12.87 5.21 -0.65
C ILE C 45 -12.31 3.89 -0.17
N SER C 46 -11.89 3.05 -1.13
CA SER C 46 -11.20 1.78 -0.84
C SER C 46 -10.15 1.94 0.28
N SER C 47 -9.25 2.90 0.11
CA SER C 47 -8.13 3.05 1.03
C SER C 47 -8.64 3.28 2.44
N ALA C 48 -9.68 4.11 2.59
CA ALA C 48 -10.30 4.37 3.89
C ALA C 48 -11.01 3.13 4.42
N VAL C 49 -11.71 2.46 3.53
CA VAL C 49 -12.52 1.30 3.90
C VAL C 49 -11.61 0.18 4.44
N ARG C 50 -10.51 -0.08 3.75
CA ARG C 50 -9.52 -1.09 4.18
C ARG C 50 -8.73 -0.64 5.42
N LYS C 51 -9.00 0.61 5.83
CA LYS C 51 -8.55 1.14 7.13
C LYS C 51 -7.09 1.58 7.12
N ALA C 52 -6.59 1.99 5.96
CA ALA C 52 -5.27 2.63 5.91
C ALA C 52 -5.24 3.80 6.91
N GLY C 53 -4.23 3.85 7.75
CA GLY C 53 -4.09 4.98 8.66
C GLY C 53 -4.88 4.90 9.94
N ILE C 54 -5.68 3.83 10.10
CA ILE C 54 -6.47 3.61 11.33
C ILE C 54 -5.63 3.63 12.60
N ALA C 55 -4.32 3.43 12.45
CA ALA C 55 -3.46 3.42 13.61
C ALA C 55 -3.28 4.83 14.17
N HIS C 56 -3.42 5.86 13.32
CA HIS C 56 -3.34 7.24 13.77
C HIS C 56 -4.54 7.62 14.60
N LEU C 57 -5.69 7.04 14.29
CA LEU C 57 -6.90 7.27 15.07
C LEU C 57 -6.86 6.55 16.40
N TYR C 58 -5.91 5.64 16.53
CA TYR C 58 -5.74 4.91 17.76
C TYR C 58 -4.52 5.36 18.51
N GLY C 59 -4.01 6.53 18.13
CA GLY C 59 -3.05 7.27 18.94
C GLY C 59 -1.61 6.84 18.77
N ILE C 60 -1.28 6.35 17.58
CA ILE C 60 0.10 6.00 17.23
C ILE C 60 1.11 7.16 17.37
N ALA C 61 0.68 8.38 17.08
CA ALA C 61 1.55 9.54 17.14
C ALA C 61 1.27 10.36 18.38
N GLY C 62 0.63 9.72 19.36
CA GLY C 62 0.30 10.37 20.64
C GLY C 62 -1.19 10.32 20.95
N LYS C 72 -13.49 11.57 10.22
CA LYS C 72 -14.87 11.49 9.77
C LYS C 72 -15.39 10.07 9.85
N LYS C 73 -16.71 9.93 9.95
CA LYS C 73 -17.40 8.67 9.76
C LYS C 73 -17.18 8.24 8.32
N LEU C 74 -17.00 6.94 8.10
CA LEU C 74 -16.62 6.45 6.79
C LEU C 74 -17.60 6.82 5.66
N ASP C 75 -18.90 6.79 5.96
CA ASP C 75 -19.89 7.15 4.95
C ASP C 75 -19.84 8.66 4.64
N VAL C 76 -19.72 9.45 5.70
CA VAL C 76 -19.50 10.90 5.60
C VAL C 76 -18.28 11.27 4.77
N LEU C 77 -17.12 10.68 5.09
CA LEU C 77 -15.92 10.91 4.28
C LEU C 77 -16.12 10.40 2.84
N SER C 78 -16.73 9.22 2.70
CA SER C 78 -17.00 8.64 1.37
C SER C 78 -17.87 9.53 0.51
N ASN C 79 -18.90 10.10 1.12
CA ASN C 79 -19.72 11.08 0.45
C ASN C 79 -18.90 12.31 0.03
N ASP C 80 -18.08 12.82 0.95
CA ASP C 80 -17.22 13.98 0.67
C ASP C 80 -16.24 13.77 -0.48
N LEU C 81 -15.70 12.55 -0.61
CA LEU C 81 -14.78 12.22 -1.71
C LEU C 81 -15.50 12.17 -3.06
N VAL C 82 -16.69 11.56 -3.09
CA VAL C 82 -17.46 11.63 -4.32
C VAL C 82 -17.85 13.07 -4.62
N MET C 83 -18.41 13.78 -3.64
CA MET C 83 -18.95 15.11 -3.92
C MET C 83 -17.89 16.05 -4.47
N ASN C 84 -16.74 16.10 -3.79
CA ASN C 84 -15.64 16.98 -4.18
C ASN C 84 -15.03 16.61 -5.48
N MET C 85 -15.00 15.31 -5.77
CA MET C 85 -14.35 14.82 -6.99
C MET C 85 -15.26 15.06 -8.18
N LEU C 86 -16.55 14.88 -7.97
CA LEU C 86 -17.51 15.12 -9.02
C LEU C 86 -17.67 16.61 -9.30
N LYS C 87 -17.69 17.44 -8.25
CA LYS C 87 -17.73 18.89 -8.45
C LYS C 87 -16.53 19.34 -9.26
N SER C 88 -15.36 18.87 -8.86
CA SER C 88 -14.10 19.34 -9.43
C SER C 88 -13.81 18.79 -10.83
N SER C 89 -14.62 17.82 -11.27
CA SER C 89 -14.59 17.30 -12.64
C SER C 89 -14.97 18.35 -13.68
N PHE C 90 -15.82 19.30 -13.29
CA PHE C 90 -16.44 20.23 -14.22
C PHE C 90 -17.37 19.51 -15.20
N ALA C 91 -17.87 18.34 -14.82
CA ALA C 91 -18.71 17.56 -15.72
C ALA C 91 -20.14 17.42 -15.20
N THR C 92 -20.41 17.98 -14.03
CA THR C 92 -21.71 17.79 -13.35
C THR C 92 -22.37 19.08 -12.87
N CYS C 93 -23.69 19.00 -12.68
CA CYS C 93 -24.49 20.14 -12.28
C CYS C 93 -25.40 19.77 -11.11
N VAL C 94 -25.96 18.56 -11.14
CA VAL C 94 -26.79 18.09 -10.02
C VAL C 94 -26.23 16.78 -9.48
N LEU C 95 -26.05 16.75 -8.16
CA LEU C 95 -25.57 15.56 -7.47
C LEU C 95 -26.60 15.11 -6.44
N VAL C 96 -27.05 13.87 -6.58
CA VAL C 96 -27.92 13.25 -5.59
C VAL C 96 -27.15 12.14 -4.87
N SER C 97 -27.18 12.17 -3.54
CA SER C 97 -26.50 11.21 -2.70
C SER C 97 -27.39 10.70 -1.60
N GLU C 98 -27.26 9.42 -1.32
CA GLU C 98 -27.87 8.78 -0.15
C GLU C 98 -27.65 9.63 1.07
N GLU C 99 -26.46 10.20 1.17
CA GLU C 99 -26.06 10.97 2.37
C GLU C 99 -26.70 12.34 2.54
N ASP C 100 -27.35 12.83 1.48
CA ASP C 100 -27.87 14.19 1.41
C ASP C 100 -29.39 14.25 1.18
N LYS C 101 -30.12 14.89 2.09
CA LYS C 101 -31.57 14.99 1.97
C LYS C 101 -31.97 15.65 0.65
N HIS C 102 -31.35 16.78 0.34
CA HIS C 102 -31.61 17.51 -0.91
C HIS C 102 -30.49 17.38 -1.93
N ALA C 103 -30.88 17.43 -3.21
CA ALA C 103 -29.92 17.42 -4.32
C ALA C 103 -28.91 18.52 -4.15
N ILE C 104 -27.66 18.21 -4.50
CA ILE C 104 -26.60 19.21 -4.48
C ILE C 104 -26.52 19.84 -5.86
N ILE C 105 -26.58 21.17 -5.90
CA ILE C 105 -26.47 21.89 -7.14
C ILE C 105 -25.07 22.48 -7.24
N VAL C 106 -24.34 22.00 -8.24
CA VAL C 106 -22.97 22.39 -8.44
C VAL C 106 -22.88 23.89 -8.73
N GLU C 107 -21.94 24.57 -8.07
CA GLU C 107 -21.70 25.99 -8.30
C GLU C 107 -21.48 26.30 -9.79
N PRO C 108 -21.97 27.47 -10.27
CA PRO C 108 -21.94 27.74 -11.72
C PRO C 108 -20.59 27.58 -12.43
N GLU C 109 -19.51 28.03 -11.80
CA GLU C 109 -18.19 27.99 -12.44
C GLU C 109 -17.70 26.58 -12.73
N LYS C 110 -18.30 25.57 -12.09
CA LYS C 110 -17.90 24.18 -12.27
C LYS C 110 -18.97 23.28 -12.91
N ARG C 111 -19.98 23.90 -13.51
CA ARG C 111 -21.11 23.15 -14.05
C ARG C 111 -20.81 22.41 -15.35
N GLY C 112 -21.20 21.14 -15.39
CA GLY C 112 -21.11 20.34 -16.59
C GLY C 112 -22.50 19.87 -16.94
N LYS C 113 -22.62 18.87 -17.79
CA LYS C 113 -23.94 18.52 -18.32
C LYS C 113 -24.58 17.29 -17.72
N TYR C 114 -23.90 16.69 -16.74
CA TYR C 114 -24.34 15.43 -16.18
C TYR C 114 -24.89 15.58 -14.78
N VAL C 115 -25.86 14.72 -14.49
CA VAL C 115 -26.49 14.58 -13.20
C VAL C 115 -26.05 13.21 -12.73
N VAL C 116 -25.57 13.15 -11.49
CA VAL C 116 -25.09 11.88 -10.92
C VAL C 116 -25.84 11.60 -9.63
N CYS C 117 -26.44 10.42 -9.58
CA CYS C 117 -27.03 9.91 -8.36
C CYS C 117 -26.10 8.82 -7.88
N PHE C 118 -25.78 8.85 -6.59
CA PHE C 118 -24.86 7.84 -6.04
C PHE C 118 -25.15 7.46 -4.58
N ASP C 119 -24.76 6.25 -4.22
CA ASP C 119 -24.70 5.84 -2.83
C ASP C 119 -23.23 5.70 -2.53
N PRO C 120 -22.67 6.67 -1.78
CA PRO C 120 -21.22 6.72 -1.55
C PRO C 120 -20.65 5.53 -0.78
N LEU C 121 -21.41 4.99 0.18
CA LEU C 121 -20.98 3.77 0.85
C LEU C 121 -22.16 2.86 1.18
N ASP C 122 -22.66 2.18 0.15
CA ASP C 122 -23.79 1.28 0.33
C ASP C 122 -23.42 0.16 1.29
N GLY C 123 -24.39 -0.21 2.12
CA GLY C 123 -24.22 -1.32 3.05
C GLY C 123 -23.45 -0.92 4.29
N SER C 124 -23.02 0.34 4.33
CA SER C 124 -22.20 0.87 5.42
C SER C 124 -22.79 0.63 6.80
N SER C 125 -24.09 0.80 6.96
CA SER C 125 -24.70 0.73 8.29
C SER C 125 -24.37 -0.57 9.07
N ASN C 126 -23.91 -1.60 8.35
CA ASN C 126 -23.41 -2.82 8.97
C ASN C 126 -21.88 -3.01 8.93
N ILE C 127 -21.16 -2.01 8.44
CA ILE C 127 -19.71 -2.11 8.29
C ILE C 127 -18.99 -2.55 9.57
N ASP C 128 -19.63 -2.33 10.73
CA ASP C 128 -19.15 -2.77 12.04
C ASP C 128 -18.75 -4.25 12.09
N CYS C 129 -19.27 -5.04 11.17
CA CYS C 129 -18.95 -6.46 11.10
C CYS C 129 -18.05 -6.76 9.89
N LEU C 130 -17.61 -5.71 9.21
CA LEU C 130 -16.72 -5.83 8.02
C LEU C 130 -17.41 -6.56 6.83
N VAL C 131 -18.72 -6.39 6.77
CA VAL C 131 -19.49 -6.77 5.61
C VAL C 131 -18.95 -6.03 4.37
N SER C 132 -18.89 -6.74 3.24
CA SER C 132 -18.66 -6.09 1.95
C SER C 132 -19.48 -4.80 1.88
N VAL C 133 -18.83 -3.68 1.55
CA VAL C 133 -19.58 -2.44 1.26
C VAL C 133 -19.33 -2.04 -0.21
N GLY C 134 -19.98 -0.98 -0.67
CA GLY C 134 -19.85 -0.57 -2.05
C GLY C 134 -20.32 0.84 -2.30
N THR C 135 -19.86 1.39 -3.42
CA THR C 135 -20.33 2.65 -3.96
C THR C 135 -21.11 2.45 -5.26
N ILE C 136 -22.35 2.95 -5.28
CA ILE C 136 -23.22 2.77 -6.44
C ILE C 136 -23.44 4.11 -7.12
N PHE C 137 -23.50 4.10 -8.45
CA PHE C 137 -23.72 5.34 -9.21
C PHE C 137 -24.49 5.14 -10.51
N GLY C 138 -25.27 6.17 -10.85
CA GLY C 138 -25.93 6.30 -12.15
C GLY C 138 -25.65 7.69 -12.70
N ILE C 139 -25.36 7.79 -13.99
CA ILE C 139 -25.07 9.08 -14.57
C ILE C 139 -26.03 9.41 -15.68
N TYR C 140 -26.80 10.49 -15.52
CA TYR C 140 -27.69 11.01 -16.54
C TYR C 140 -27.16 12.29 -17.18
N ARG C 141 -27.44 12.49 -18.47
CA ARG C 141 -27.29 13.83 -19.04
C ARG C 141 -28.48 14.68 -18.52
N LYS C 142 -28.17 15.87 -17.98
CA LYS C 142 -29.21 16.85 -17.67
C LYS C 142 -30.07 17.06 -18.91
N LYS C 143 -31.37 16.83 -18.77
CA LYS C 143 -32.27 16.80 -19.95
C LYS C 143 -33.00 18.12 -20.14
N SER C 144 -33.45 18.73 -19.05
CA SER C 144 -34.16 19.99 -19.13
C SER C 144 -33.16 21.11 -19.36
N THR C 145 -33.61 22.22 -19.93
CA THR C 145 -32.75 23.41 -20.08
C THR C 145 -32.98 24.37 -18.93
N ASP C 146 -33.80 23.96 -17.96
CA ASP C 146 -34.07 24.81 -16.81
C ASP C 146 -32.80 24.97 -16.00
N GLU C 147 -32.81 25.96 -15.11
CA GLU C 147 -31.79 26.10 -14.09
C GLU C 147 -31.58 24.77 -13.37
N PRO C 148 -30.33 24.43 -13.03
CA PRO C 148 -30.14 23.15 -12.37
C PRO C 148 -30.93 23.07 -11.07
N SER C 149 -31.63 21.96 -10.89
CA SER C 149 -32.42 21.74 -9.68
C SER C 149 -32.57 20.25 -9.44
N GLU C 150 -33.23 19.91 -8.35
CA GLU C 150 -33.48 18.52 -7.96
C GLU C 150 -34.26 17.72 -9.01
N LYS C 151 -35.11 18.41 -9.77
CA LYS C 151 -35.88 17.77 -10.84
C LYS C 151 -34.99 17.08 -11.88
N ASP C 152 -33.74 17.50 -11.98
CA ASP C 152 -32.84 16.99 -13.02
C ASP C 152 -32.42 15.56 -12.76
N ALA C 153 -32.60 15.14 -11.51
CA ALA C 153 -32.30 13.79 -11.07
C ALA C 153 -33.49 12.84 -11.25
N LEU C 154 -34.64 13.40 -11.61
CA LEU C 154 -35.88 12.64 -11.67
C LEU C 154 -36.13 12.05 -13.04
N GLN C 155 -35.11 11.39 -13.57
CA GLN C 155 -35.22 10.74 -14.86
C GLN C 155 -35.42 9.24 -14.70
N PRO C 156 -36.17 8.64 -15.61
CA PRO C 156 -36.34 7.19 -15.53
C PRO C 156 -34.98 6.50 -15.72
N GLY C 157 -34.81 5.31 -15.16
CA GLY C 157 -33.54 4.59 -15.29
C GLY C 157 -33.07 4.36 -16.72
N ARG C 158 -34.04 4.23 -17.64
CA ARG C 158 -33.82 4.07 -19.09
C ARG C 158 -32.97 5.17 -19.67
N ASN C 159 -32.89 6.31 -18.98
CA ASN C 159 -32.18 7.45 -19.52
C ASN C 159 -30.69 7.39 -19.16
N LEU C 160 -30.32 6.40 -18.36
CA LEU C 160 -28.94 6.25 -17.95
C LEU C 160 -28.00 6.21 -19.13
N VAL C 161 -26.89 6.90 -18.94
CA VAL C 161 -25.81 7.01 -19.89
C VAL C 161 -24.65 6.09 -19.47
N ALA C 162 -24.57 5.84 -18.18
CA ALA C 162 -23.56 4.98 -17.61
C ALA C 162 -23.93 4.77 -16.17
N ALA C 163 -23.61 3.61 -15.64
CA ALA C 163 -23.84 3.36 -14.23
C ALA C 163 -22.98 2.21 -13.77
N GLY C 164 -23.03 1.93 -12.48
CA GLY C 164 -22.29 0.79 -11.96
C GLY C 164 -22.02 0.96 -10.50
N TYR C 165 -20.97 0.28 -10.06
CA TYR C 165 -20.62 0.22 -8.65
C TYR C 165 -19.16 -0.14 -8.46
N ALA C 166 -18.69 0.12 -7.24
CA ALA C 166 -17.38 -0.29 -6.80
C ALA C 166 -17.71 -1.14 -5.59
N LEU C 167 -17.29 -2.40 -5.64
CA LEU C 167 -17.46 -3.32 -4.52
C LEU C 167 -16.16 -3.34 -3.77
N TYR C 168 -16.23 -3.10 -2.48
CA TYR C 168 -15.11 -3.25 -1.58
C TYR C 168 -15.34 -4.55 -0.80
N GLY C 169 -14.93 -5.66 -1.41
CA GLY C 169 -15.08 -6.98 -0.81
C GLY C 169 -13.69 -7.49 -0.51
N SER C 170 -13.46 -8.79 -0.69
CA SER C 170 -12.13 -9.37 -0.51
C SER C 170 -11.12 -8.57 -1.35
N ALA C 171 -11.51 -8.19 -2.56
CA ALA C 171 -10.79 -7.22 -3.38
C ALA C 171 -11.71 -6.08 -3.81
N THR C 172 -11.12 -4.97 -4.28
CA THR C 172 -11.94 -3.89 -4.79
C THR C 172 -12.12 -4.05 -6.29
N MET C 173 -13.38 -3.98 -6.73
CA MET C 173 -13.70 -4.06 -8.13
C MET C 173 -14.67 -2.95 -8.53
N LEU C 174 -14.43 -2.34 -9.67
CA LEU C 174 -15.40 -1.42 -10.25
C LEU C 174 -16.03 -2.09 -11.44
N VAL C 175 -17.36 -2.06 -11.48
CA VAL C 175 -18.14 -2.60 -12.59
C VAL C 175 -18.76 -1.39 -13.24
N LEU C 176 -18.48 -1.21 -14.54
CA LEU C 176 -18.96 -0.07 -15.29
C LEU C 176 -19.81 -0.52 -16.44
N ALA C 177 -21.05 -0.04 -16.47
CA ALA C 177 -22.01 -0.38 -17.51
C ALA C 177 -22.34 0.83 -18.37
N MET C 178 -22.27 0.66 -19.69
CA MET C 178 -22.61 1.73 -20.62
C MET C 178 -23.25 1.08 -21.81
N ASP C 179 -23.50 1.87 -22.84
CA ASP C 179 -24.07 1.39 -24.10
C ASP C 179 -23.25 0.21 -24.70
N CYS C 180 -21.93 0.29 -24.58
CA CYS C 180 -21.00 -0.75 -25.04
C CYS C 180 -21.02 -1.98 -24.14
N GLY C 181 -21.83 -1.93 -23.09
CA GLY C 181 -22.00 -3.08 -22.20
C GLY C 181 -21.35 -2.94 -20.84
N VAL C 182 -21.08 -4.07 -20.21
CA VAL C 182 -20.59 -4.11 -18.83
C VAL C 182 -19.16 -4.66 -18.78
N ASN C 183 -18.29 -3.87 -18.15
CA ASN C 183 -16.88 -4.22 -17.99
C ASN C 183 -16.46 -4.09 -16.54
N CYS C 184 -15.63 -5.04 -16.08
CA CYS C 184 -15.25 -5.15 -14.69
C CYS C 184 -13.77 -4.97 -14.55
N PHE C 185 -13.41 -4.11 -13.61
CA PHE C 185 -12.02 -3.72 -13.43
C PHE C 185 -11.58 -3.99 -12.01
N MET C 186 -10.57 -4.85 -11.84
CA MET C 186 -9.99 -5.00 -10.50
C MET C 186 -9.09 -3.81 -10.16
N LEU C 187 -9.25 -3.28 -8.95
CA LEU C 187 -8.31 -2.35 -8.39
C LEU C 187 -7.09 -3.17 -7.98
N ASP C 188 -5.94 -2.73 -8.48
CA ASP C 188 -4.64 -3.18 -7.99
C ASP C 188 -4.10 -2.11 -7.04
N PRO C 189 -4.07 -2.41 -5.73
CA PRO C 189 -3.65 -1.50 -4.65
C PRO C 189 -2.16 -1.12 -4.64
N ALA C 190 -1.32 -1.95 -5.27
CA ALA C 190 0.11 -1.69 -5.37
C ALA C 190 0.39 -0.45 -6.19
N ILE C 191 -0.41 -0.23 -7.23
CA ILE C 191 -0.15 0.87 -8.17
C ILE C 191 -1.33 1.81 -8.35
N GLY C 192 -2.40 1.59 -7.59
CA GLY C 192 -3.56 2.49 -7.65
C GLY C 192 -4.13 2.56 -9.04
N GLU C 193 -4.42 1.39 -9.61
CA GLU C 193 -4.87 1.29 -10.99
C GLU C 193 -6.00 0.27 -11.11
N PHE C 194 -7.02 0.63 -11.88
CA PHE C 194 -8.15 -0.24 -12.17
C PHE C 194 -7.91 -1.03 -13.44
N ILE C 195 -7.72 -2.34 -13.30
CA ILE C 195 -7.30 -3.18 -14.40
C ILE C 195 -8.51 -3.90 -14.95
N LEU C 196 -8.70 -3.88 -16.27
CA LEU C 196 -9.79 -4.63 -16.91
C LEU C 196 -9.56 -6.13 -16.83
N VAL C 197 -10.50 -6.82 -16.18
CA VAL C 197 -10.36 -8.24 -15.91
C VAL C 197 -11.50 -9.05 -16.47
N ASP C 198 -12.66 -8.43 -16.70
CA ASP C 198 -13.79 -9.14 -17.34
C ASP C 198 -14.51 -8.25 -18.32
N LYS C 199 -14.45 -8.66 -19.58
CA LYS C 199 -14.83 -7.81 -20.69
C LYS C 199 -16.24 -8.14 -21.14
N ASP C 200 -17.03 -7.12 -21.41
CA ASP C 200 -18.38 -7.29 -21.97
C ASP C 200 -19.12 -8.46 -21.28
N VAL C 201 -19.32 -8.27 -19.98
CA VAL C 201 -19.85 -9.29 -19.07
C VAL C 201 -21.31 -9.56 -19.36
N LYS C 202 -21.65 -10.85 -19.40
CA LYS C 202 -23.02 -11.29 -19.54
C LYS C 202 -23.35 -12.25 -18.41
N ILE C 203 -24.57 -12.13 -17.89
CA ILE C 203 -25.10 -13.00 -16.83
C ILE C 203 -25.56 -14.35 -17.39
N LYS C 204 -25.43 -15.41 -16.60
CA LYS C 204 -25.99 -16.73 -17.00
C LYS C 204 -27.50 -16.64 -17.21
N LYS C 205 -27.96 -17.29 -18.26
CA LYS C 205 -29.39 -17.39 -18.58
C LYS C 205 -30.24 -17.75 -17.33
N LYS C 206 -29.70 -18.67 -16.53
CA LYS C 206 -30.39 -19.13 -15.33
C LYS C 206 -29.38 -19.51 -14.28
N GLY C 207 -29.63 -19.10 -13.05
CA GLY C 207 -28.72 -19.44 -11.95
C GLY C 207 -29.26 -20.51 -11.03
N LYS C 208 -28.62 -20.68 -9.89
CA LYS C 208 -29.02 -21.69 -8.91
C LYS C 208 -28.92 -21.08 -7.49
N ILE C 209 -28.98 -19.76 -7.40
CA ILE C 209 -29.02 -19.07 -6.13
C ILE C 209 -30.10 -18.00 -6.10
N TYR C 210 -30.86 -17.97 -5.02
CA TYR C 210 -31.76 -16.86 -4.80
C TYR C 210 -31.30 -16.08 -3.57
N SER C 211 -31.49 -14.76 -3.62
CA SER C 211 -31.03 -13.89 -2.58
C SER C 211 -32.14 -12.97 -2.12
N LEU C 212 -32.57 -13.15 -0.87
CA LEU C 212 -33.37 -12.15 -0.13
C LEU C 212 -33.37 -12.49 1.35
N ASN C 213 -33.68 -11.47 2.16
CA ASN C 213 -33.90 -11.57 3.59
C ASN C 213 -35.23 -12.24 3.92
N GLU C 214 -35.18 -13.55 4.17
CA GLU C 214 -36.39 -14.33 4.46
C GLU C 214 -36.97 -14.05 5.83
N GLY C 215 -36.28 -13.22 6.63
CA GLY C 215 -36.80 -12.78 7.92
C GLY C 215 -38.07 -11.94 7.79
N TYR C 216 -38.39 -11.55 6.55
CA TYR C 216 -39.64 -10.89 6.23
C TYR C 216 -40.68 -11.84 5.68
N ALA C 217 -40.47 -13.14 5.87
CA ALA C 217 -41.34 -14.14 5.28
C ALA C 217 -42.81 -13.89 5.61
N LYS C 218 -43.09 -13.49 6.85
CA LYS C 218 -44.46 -13.28 7.33
C LYS C 218 -45.15 -12.13 6.54
N ASP C 219 -44.34 -11.23 5.98
CA ASP C 219 -44.79 -10.03 5.28
C ASP C 219 -44.93 -10.23 3.78
N PHE C 220 -44.36 -11.32 3.25
CA PHE C 220 -44.36 -11.52 1.80
C PHE C 220 -45.77 -11.66 1.23
N ASP C 221 -45.96 -11.07 0.06
CA ASP C 221 -47.16 -11.26 -0.75
C ASP C 221 -47.13 -12.68 -1.33
N PRO C 222 -48.29 -13.23 -1.72
CA PRO C 222 -48.22 -14.66 -2.08
C PRO C 222 -47.29 -14.99 -3.26
N ALA C 223 -47.00 -14.01 -4.11
CA ALA C 223 -46.17 -14.27 -5.29
C ALA C 223 -44.75 -14.55 -4.86
N VAL C 224 -44.23 -13.73 -3.96
CA VAL C 224 -42.89 -13.91 -3.43
C VAL C 224 -42.82 -15.20 -2.61
N THR C 225 -43.86 -15.46 -1.81
CA THR C 225 -43.95 -16.70 -1.04
C THR C 225 -43.92 -17.93 -1.95
N GLU C 226 -44.78 -17.97 -2.96
CA GLU C 226 -44.77 -19.11 -3.87
C GLU C 226 -43.45 -19.25 -4.61
N TYR C 227 -42.86 -18.14 -5.02
CA TYR C 227 -41.68 -18.20 -5.86
C TYR C 227 -40.55 -18.90 -5.12
N ILE C 228 -40.33 -18.44 -3.90
CA ILE C 228 -39.31 -18.95 -3.01
C ILE C 228 -39.55 -20.42 -2.69
N GLN C 229 -40.81 -20.80 -2.54
CA GLN C 229 -41.21 -22.20 -2.33
C GLN C 229 -40.73 -23.11 -3.46
N ARG C 230 -40.94 -22.67 -4.69
CA ARG C 230 -40.45 -23.33 -5.91
C ARG C 230 -38.94 -23.47 -5.96
N LYS C 231 -38.22 -22.54 -5.33
CA LYS C 231 -36.75 -22.63 -5.23
C LYS C 231 -36.36 -23.76 -4.28
N LYS C 232 -37.14 -23.95 -3.22
CA LYS C 232 -36.76 -24.85 -2.14
C LYS C 232 -37.22 -26.26 -2.43
N PHE C 233 -38.43 -26.36 -2.94
CA PHE C 233 -39.08 -27.64 -3.23
C PHE C 233 -39.52 -27.58 -4.68
N PRO C 234 -38.57 -27.75 -5.63
CA PRO C 234 -38.82 -27.59 -7.06
C PRO C 234 -39.87 -28.56 -7.62
N PRO C 235 -40.88 -28.03 -8.32
CA PRO C 235 -42.03 -28.80 -8.80
C PRO C 235 -41.67 -29.86 -9.85
N ASP C 236 -40.58 -29.62 -10.59
CA ASP C 236 -40.05 -30.62 -11.52
C ASP C 236 -39.07 -31.54 -10.81
N ASN C 237 -38.90 -31.31 -9.51
CA ASN C 237 -38.01 -32.09 -8.65
C ASN C 237 -36.55 -32.06 -9.09
N SER C 238 -36.10 -30.86 -9.48
CA SER C 238 -34.70 -30.58 -9.73
C SER C 238 -34.04 -30.11 -8.43
N ALA C 239 -32.74 -29.88 -8.47
CA ALA C 239 -31.99 -29.45 -7.31
C ALA C 239 -32.49 -28.11 -6.79
N PRO C 240 -32.77 -28.03 -5.46
CA PRO C 240 -33.08 -26.77 -4.78
C PRO C 240 -32.00 -25.74 -5.07
N TYR C 241 -32.38 -24.49 -5.27
CA TYR C 241 -31.42 -23.37 -5.31
C TYR C 241 -30.76 -23.23 -3.97
N GLY C 242 -29.50 -22.80 -3.96
CA GLY C 242 -28.88 -22.38 -2.72
C GLY C 242 -29.33 -20.97 -2.38
N ALA C 243 -29.19 -20.58 -1.13
CA ALA C 243 -29.57 -19.26 -0.67
C ALA C 243 -28.34 -18.47 -0.20
N ARG C 244 -28.19 -17.25 -0.69
CA ARG C 244 -27.15 -16.36 -0.19
C ARG C 244 -27.78 -15.01 0.16
N TYR C 245 -27.38 -14.42 1.26
CA TYR C 245 -27.83 -13.06 1.54
C TYR C 245 -26.86 -12.33 2.44
N VAL C 246 -26.01 -11.52 1.82
CA VAL C 246 -25.00 -10.73 2.53
C VAL C 246 -25.70 -9.62 3.30
N GLY C 247 -26.78 -9.10 2.72
CA GLY C 247 -27.47 -7.93 3.27
C GLY C 247 -26.75 -6.64 2.97
N SER C 248 -25.92 -6.67 1.92
CA SER C 248 -25.26 -5.49 1.40
C SER C 248 -25.49 -5.60 -0.09
N MET C 249 -26.20 -4.61 -0.64
CA MET C 249 -26.75 -4.72 -1.99
C MET C 249 -25.70 -4.97 -3.06
N VAL C 250 -24.60 -4.21 -3.02
CA VAL C 250 -23.54 -4.35 -4.04
C VAL C 250 -22.99 -5.78 -4.08
N ALA C 251 -22.72 -6.32 -2.89
CA ALA C 251 -22.21 -7.67 -2.73
C ALA C 251 -23.17 -8.71 -3.30
N ASP C 252 -24.44 -8.61 -2.92
CA ASP C 252 -25.47 -9.53 -3.36
C ASP C 252 -25.70 -9.41 -4.87
N VAL C 253 -25.69 -8.18 -5.38
CA VAL C 253 -25.87 -8.02 -6.81
C VAL C 253 -24.61 -8.41 -7.62
N HIS C 254 -23.41 -8.10 -7.14
CA HIS C 254 -22.23 -8.57 -7.82
C HIS C 254 -22.21 -10.10 -7.91
N ARG C 255 -22.59 -10.82 -6.84
CA ARG C 255 -22.62 -12.28 -6.89
C ARG C 255 -23.63 -12.78 -7.95
N THR C 256 -24.80 -12.15 -8.00
CA THR C 256 -25.86 -12.48 -8.95
C THR C 256 -25.36 -12.26 -10.38
N LEU C 257 -24.64 -11.18 -10.63
CA LEU C 257 -24.01 -11.00 -11.95
C LEU C 257 -22.98 -12.11 -12.23
N VAL C 258 -22.09 -12.37 -11.27
CA VAL C 258 -21.00 -13.34 -11.43
C VAL C 258 -21.51 -14.78 -11.52
N TYR C 259 -22.31 -15.23 -10.56
CA TYR C 259 -22.80 -16.64 -10.58
C TYR C 259 -24.19 -16.87 -11.21
N GLY C 260 -24.91 -15.80 -11.50
CA GLY C 260 -26.30 -15.95 -11.92
C GLY C 260 -27.25 -16.17 -10.76
N GLY C 261 -28.54 -16.20 -11.08
CA GLY C 261 -29.60 -16.43 -10.09
C GLY C 261 -30.43 -15.18 -9.91
N ILE C 262 -31.02 -15.02 -8.73
CA ILE C 262 -31.96 -13.94 -8.52
C ILE C 262 -31.77 -13.19 -7.20
N PHE C 263 -31.98 -11.86 -7.25
CA PHE C 263 -31.95 -11.04 -6.05
C PHE C 263 -33.29 -10.35 -5.87
N LEU C 264 -33.86 -10.50 -4.68
CA LEU C 264 -35.13 -9.88 -4.37
C LEU C 264 -35.04 -9.08 -3.10
N TYR C 265 -35.55 -7.85 -3.17
CA TYR C 265 -35.97 -7.14 -1.99
C TYR C 265 -37.36 -6.58 -2.22
N PRO C 266 -38.39 -7.37 -1.87
CA PRO C 266 -39.75 -6.96 -2.14
C PRO C 266 -40.25 -5.99 -1.06
N ALA C 267 -41.42 -5.41 -1.27
CA ALA C 267 -42.07 -4.57 -0.27
C ALA C 267 -42.43 -5.43 0.93
N ASN C 268 -42.42 -4.80 2.10
CA ASN C 268 -42.90 -5.45 3.32
C ASN C 268 -43.61 -4.42 4.17
N LYS C 269 -44.16 -4.83 5.30
CA LYS C 269 -44.95 -3.92 6.13
C LYS C 269 -44.12 -2.71 6.58
N LYS C 270 -42.85 -2.94 6.87
CA LYS C 270 -41.94 -1.86 7.29
C LYS C 270 -41.60 -1.00 6.06
N SER C 271 -41.57 -1.63 4.89
CA SER C 271 -41.17 -0.98 3.65
C SER C 271 -42.21 -1.15 2.55
N PRO C 272 -43.35 -0.41 2.62
CA PRO C 272 -44.47 -0.70 1.71
C PRO C 272 -44.22 -0.38 0.23
N ASN C 273 -43.30 0.55 -0.04
CA ASN C 273 -42.88 0.89 -1.40
C ASN C 273 -41.49 0.31 -1.74
N GLY C 274 -41.13 -0.79 -1.09
CA GLY C 274 -39.78 -1.33 -1.14
C GLY C 274 -38.84 -0.67 -0.14
N LYS C 275 -37.63 -1.21 -0.05
CA LYS C 275 -36.62 -0.72 0.87
C LYS C 275 -35.52 0.01 0.12
N LEU C 276 -35.14 -0.54 -1.02
CA LEU C 276 -34.01 -0.02 -1.76
C LEU C 276 -34.42 1.23 -2.54
N ARG C 277 -33.50 2.20 -2.59
CA ARG C 277 -33.74 3.49 -3.23
C ARG C 277 -33.70 3.36 -4.73
N LEU C 278 -34.70 3.94 -5.38
CA LEU C 278 -34.76 3.89 -6.83
C LEU C 278 -33.58 4.50 -7.54
N LEU C 279 -33.24 5.73 -7.17
CA LEU C 279 -32.33 6.55 -7.95
C LEU C 279 -30.90 6.05 -7.98
N TYR C 280 -30.42 5.58 -6.83
CA TYR C 280 -29.00 5.28 -6.67
C TYR C 280 -28.71 3.91 -6.08
N GLU C 281 -29.75 3.08 -5.94
CA GLU C 281 -29.58 1.63 -5.75
C GLU C 281 -30.21 0.84 -6.90
N CYS C 282 -31.52 0.95 -7.06
CA CYS C 282 -32.25 0.12 -8.05
C CYS C 282 -31.91 0.44 -9.49
N ASN C 283 -31.97 1.71 -9.88
CA ASN C 283 -31.65 2.06 -11.28
C ASN C 283 -30.22 1.69 -11.72
N PRO C 284 -29.18 2.09 -10.97
CA PRO C 284 -27.84 1.65 -11.40
C PRO C 284 -27.74 0.13 -11.58
N MET C 285 -28.19 -0.66 -10.59
CA MET C 285 -28.09 -2.14 -10.69
C MET C 285 -28.97 -2.74 -11.78
N ALA C 286 -30.14 -2.16 -11.97
CA ALA C 286 -31.05 -2.57 -13.04
C ALA C 286 -30.41 -2.33 -14.41
N TYR C 287 -29.75 -1.19 -14.55
CA TYR C 287 -29.01 -0.82 -15.75
C TYR C 287 -27.88 -1.80 -16.03
N VAL C 288 -27.12 -2.16 -15.00
CA VAL C 288 -26.03 -3.13 -15.14
C VAL C 288 -26.59 -4.48 -15.58
N MET C 289 -27.72 -4.88 -14.99
CA MET C 289 -28.32 -6.17 -15.28
C MET C 289 -28.75 -6.25 -16.73
N GLU C 290 -29.48 -5.22 -17.15
CA GLU C 290 -30.03 -5.23 -18.50
C GLU C 290 -28.93 -5.26 -19.58
N LYS C 291 -27.92 -4.40 -19.41
CA LYS C 291 -26.73 -4.40 -20.27
C LYS C 291 -25.98 -5.76 -20.24
N ALA C 292 -26.05 -6.47 -19.10
CA ALA C 292 -25.48 -7.83 -19.03
C ALA C 292 -26.49 -8.89 -19.49
N GLY C 293 -27.65 -8.44 -19.96
CA GLY C 293 -28.66 -9.35 -20.52
C GLY C 293 -29.52 -10.06 -19.49
N GLY C 294 -29.56 -9.49 -18.29
CA GLY C 294 -30.48 -9.92 -17.26
C GLY C 294 -31.64 -8.97 -17.14
N MET C 295 -32.42 -9.15 -16.09
CA MET C 295 -33.63 -8.39 -15.94
C MET C 295 -33.72 -7.67 -14.60
N ALA C 296 -34.61 -6.71 -14.50
CA ALA C 296 -34.86 -6.08 -13.23
C ALA C 296 -36.29 -5.57 -13.31
N THR C 297 -37.11 -6.03 -12.38
CA THR C 297 -38.51 -5.66 -12.35
C THR C 297 -38.85 -5.19 -10.95
N THR C 298 -39.85 -4.33 -10.81
CA THR C 298 -40.40 -3.99 -9.50
C THR C 298 -41.46 -5.03 -9.17
N GLY C 299 -41.75 -5.88 -10.17
CA GLY C 299 -42.87 -6.84 -10.14
C GLY C 299 -43.93 -6.44 -11.14
N LYS C 300 -44.22 -5.13 -11.22
CA LYS C 300 -45.27 -4.59 -12.07
C LYS C 300 -44.70 -4.04 -13.36
N GLU C 301 -43.45 -3.55 -13.28
CA GLU C 301 -42.78 -2.97 -14.43
C GLU C 301 -41.28 -3.04 -14.27
N ALA C 302 -40.56 -2.82 -15.37
CA ALA C 302 -39.12 -2.73 -15.36
C ALA C 302 -38.70 -1.57 -14.44
N VAL C 303 -37.72 -1.83 -13.59
CA VAL C 303 -37.17 -0.79 -12.71
C VAL C 303 -36.83 0.47 -13.54
N LEU C 304 -36.16 0.28 -14.67
CA LEU C 304 -35.71 1.41 -15.49
C LEU C 304 -36.86 2.22 -16.09
N ASP C 305 -38.04 1.62 -16.21
CA ASP C 305 -39.22 2.36 -16.67
C ASP C 305 -39.90 3.20 -15.61
N VAL C 306 -39.58 2.97 -14.33
CA VAL C 306 -40.22 3.74 -13.26
C VAL C 306 -39.81 5.19 -13.43
N ILE C 307 -40.79 6.08 -13.41
CA ILE C 307 -40.53 7.49 -13.50
C ILE C 307 -40.60 8.00 -12.07
N PRO C 308 -39.45 8.44 -11.53
CA PRO C 308 -39.35 8.96 -10.16
C PRO C 308 -40.05 10.30 -9.93
N THR C 309 -40.53 10.52 -8.70
CA THR C 309 -41.14 11.79 -8.30
C THR C 309 -40.37 12.41 -7.14
N ASP C 310 -39.60 11.57 -6.44
CA ASP C 310 -38.84 11.98 -5.26
C ASP C 310 -37.42 11.38 -5.27
N ILE C 311 -36.42 12.15 -4.88
CA ILE C 311 -35.01 11.70 -5.02
C ILE C 311 -34.60 10.52 -4.11
N HIS C 312 -35.23 10.39 -2.94
CA HIS C 312 -34.90 9.29 -2.04
C HIS C 312 -35.98 8.23 -2.02
N GLN C 313 -36.70 8.11 -3.14
CA GLN C 313 -37.87 7.25 -3.17
C GLN C 313 -37.41 5.81 -3.32
N ARG C 314 -38.24 4.92 -2.81
CA ARG C 314 -37.91 3.52 -2.72
C ARG C 314 -38.66 2.75 -3.80
N ALA C 315 -38.13 1.57 -4.16
CA ALA C 315 -38.79 0.66 -5.09
C ALA C 315 -38.55 -0.78 -4.71
N PRO C 316 -39.56 -1.65 -4.89
CA PRO C 316 -39.26 -3.07 -4.77
C PRO C 316 -38.42 -3.46 -5.96
N VAL C 317 -37.70 -4.55 -5.84
CA VAL C 317 -36.79 -4.91 -6.91
C VAL C 317 -36.56 -6.40 -6.94
N ILE C 318 -36.68 -6.95 -8.14
CA ILE C 318 -36.30 -8.32 -8.38
C ILE C 318 -35.41 -8.28 -9.61
N LEU C 319 -34.20 -8.82 -9.50
CA LEU C 319 -33.23 -8.70 -10.58
C LEU C 319 -32.28 -9.90 -10.66
N GLY C 320 -31.70 -10.09 -11.84
CA GLY C 320 -30.82 -11.23 -12.08
C GLY C 320 -31.03 -11.95 -13.40
N SER C 321 -30.64 -13.23 -13.44
CA SER C 321 -30.75 -14.04 -14.66
C SER C 321 -32.15 -13.92 -15.26
N PRO C 322 -32.24 -13.82 -16.61
CA PRO C 322 -33.52 -13.64 -17.26
C PRO C 322 -34.49 -14.78 -16.96
N ASP C 323 -34.08 -16.02 -17.21
CA ASP C 323 -34.90 -17.18 -16.91
C ASP C 323 -35.49 -17.18 -15.51
N ASP C 324 -34.75 -16.63 -14.55
CA ASP C 324 -35.17 -16.63 -13.15
C ASP C 324 -36.16 -15.53 -12.79
N VAL C 325 -35.97 -14.35 -13.40
CA VAL C 325 -36.89 -13.22 -13.25
C VAL C 325 -38.17 -13.49 -14.06
N LEU C 326 -38.01 -14.09 -15.24
CA LEU C 326 -39.15 -14.50 -16.05
C LEU C 326 -40.04 -15.47 -15.28
N GLU C 327 -39.41 -16.33 -14.46
CA GLU C 327 -40.12 -17.27 -13.61
C GLU C 327 -40.81 -16.59 -12.43
N PHE C 328 -40.18 -15.58 -11.87
CA PHE C 328 -40.85 -14.81 -10.83
C PHE C 328 -42.07 -14.09 -11.37
N LEU C 329 -41.94 -13.55 -12.57
CA LEU C 329 -43.04 -12.78 -13.18
C LEU C 329 -44.24 -13.65 -13.64
N LYS C 330 -43.99 -14.88 -14.10
CA LYS C 330 -45.10 -15.78 -14.41
C LYS C 330 -45.89 -16.06 -13.14
N VAL C 331 -45.15 -16.29 -12.04
CA VAL C 331 -45.75 -16.45 -10.72
C VAL C 331 -46.48 -15.17 -10.27
N TYR C 332 -45.88 -14.01 -10.51
CA TYR C 332 -46.51 -12.75 -10.14
C TYR C 332 -47.83 -12.60 -10.90
N GLU C 333 -47.81 -12.94 -12.18
CA GLU C 333 -49.01 -12.85 -13.03
C GLU C 333 -50.07 -13.87 -12.65
N LYS C 334 -49.63 -15.05 -12.21
CA LYS C 334 -50.51 -16.10 -11.71
C LYS C 334 -51.30 -15.56 -10.53
N HIS C 335 -50.66 -14.73 -9.70
CA HIS C 335 -51.33 -14.10 -8.58
C HIS C 335 -51.87 -12.70 -8.89
N SER C 336 -51.81 -12.30 -10.16
CA SER C 336 -52.26 -10.97 -10.59
C SER C 336 -51.33 -9.85 -10.08
N ALA C 337 -51.40 -9.40 -8.94
N ASP D 10 -2.83 3.21 26.05
CA ASP D 10 -1.86 3.39 24.92
C ASP D 10 -2.26 2.55 23.70
N VAL D 11 -1.79 2.96 22.53
CA VAL D 11 -2.02 2.22 21.28
C VAL D 11 -1.55 0.77 21.44
N ASN D 12 -2.43 -0.17 21.14
CA ASN D 12 -2.02 -1.56 21.25
C ASN D 12 -2.02 -2.29 19.93
N THR D 13 -1.02 -3.15 19.77
CA THR D 13 -0.79 -3.89 18.54
C THR D 13 -0.81 -5.37 18.91
N LEU D 14 -0.92 -6.25 17.90
CA LEU D 14 -0.97 -7.69 18.18
C LEU D 14 0.33 -8.23 18.82
N THR D 15 1.47 -7.83 18.23
CA THR D 15 2.80 -8.24 18.68
C THR D 15 3.03 -7.82 20.12
N ARG D 16 2.75 -6.56 20.41
CA ARG D 16 2.86 -6.02 21.76
C ARG D 16 1.93 -6.71 22.76
N PHE D 17 0.69 -6.95 22.35
CA PHE D 17 -0.30 -7.59 23.21
C PHE D 17 0.10 -9.02 23.57
N VAL D 18 0.47 -9.81 22.56
CA VAL D 18 0.93 -11.19 22.75
C VAL D 18 2.22 -11.30 23.63
N MET D 19 3.15 -10.37 23.43
CA MET D 19 4.41 -10.34 24.18
C MET D 19 4.18 -10.02 25.65
N GLU D 20 3.18 -9.20 25.92
CA GLU D 20 2.85 -8.80 27.28
C GLU D 20 2.01 -9.88 27.98
N GLU D 21 1.16 -10.56 27.22
CA GLU D 21 0.48 -11.78 27.70
C GLU D 21 1.48 -12.90 28.02
N GLY D 22 2.41 -13.13 27.09
CA GLY D 22 3.48 -14.11 27.28
C GLY D 22 4.31 -13.86 28.52
N ARG D 23 4.76 -12.62 28.70
CA ARG D 23 5.53 -12.18 29.86
C ARG D 23 4.75 -12.31 31.17
N LYS D 24 3.45 -12.02 31.12
CA LYS D 24 2.57 -12.18 32.28
C LYS D 24 2.38 -13.66 32.62
N ALA D 25 2.27 -14.50 31.59
CA ALA D 25 2.18 -15.95 31.78
C ALA D 25 3.54 -16.54 32.13
N ARG D 26 4.59 -15.76 31.89
CA ARG D 26 5.98 -16.19 32.06
C ARG D 26 6.32 -17.40 31.18
N GLY D 27 5.80 -17.37 29.95
CA GLY D 27 6.16 -18.39 28.96
C GLY D 27 7.53 -18.15 28.37
N THR D 28 8.01 -19.13 27.61
CA THR D 28 9.33 -19.05 26.99
C THR D 28 9.27 -18.33 25.64
N GLY D 29 8.07 -18.09 25.12
CA GLY D 29 7.88 -17.17 24.00
C GLY D 29 7.52 -17.83 22.68
N GLU D 30 7.36 -19.14 22.73
CA GLU D 30 7.13 -19.95 21.56
C GLU D 30 5.75 -19.72 20.91
N LEU D 31 4.72 -19.59 21.75
CA LEU D 31 3.38 -19.19 21.29
C LEU D 31 3.44 -17.81 20.63
N THR D 32 4.09 -16.86 21.29
CA THR D 32 4.32 -15.54 20.74
C THR D 32 4.98 -15.59 19.37
N GLN D 33 6.05 -16.38 19.26
CA GLN D 33 6.71 -16.62 17.97
C GLN D 33 5.76 -17.17 16.91
N LEU D 34 4.98 -18.17 17.33
CA LEU D 34 3.98 -18.80 16.47
C LEU D 34 3.00 -17.74 15.97
N LEU D 35 2.40 -17.03 16.91
CA LEU D 35 1.40 -16.02 16.60
C LEU D 35 1.94 -14.93 15.71
N ASN D 36 3.14 -14.46 15.99
CA ASN D 36 3.69 -13.40 15.16
C ASN D 36 3.91 -13.90 13.73
N SER D 37 4.34 -15.14 13.62
CA SER D 37 4.58 -15.78 12.33
C SER D 37 3.30 -15.90 11.46
N LEU D 38 2.22 -16.40 12.07
CA LEU D 38 0.88 -16.49 11.47
C LEU D 38 0.31 -15.11 11.08
N CYS D 39 0.56 -14.11 11.95
CA CYS D 39 0.28 -12.68 11.71
C CYS D 39 0.89 -12.22 10.40
N THR D 40 2.20 -12.41 10.27
CA THR D 40 2.90 -12.14 9.02
C THR D 40 2.23 -12.83 7.82
N ALA D 41 1.86 -14.11 7.97
CA ALA D 41 1.18 -14.88 6.90
C ALA D 41 -0.15 -14.29 6.54
N VAL D 42 -0.92 -13.88 7.55
CA VAL D 42 -2.21 -13.19 7.36
C VAL D 42 -2.08 -11.83 6.63
N LYS D 43 -1.10 -11.00 6.99
CA LYS D 43 -0.82 -9.77 6.25
C LYS D 43 -0.52 -10.02 4.78
N ALA D 44 0.33 -11.04 4.54
CA ALA D 44 0.61 -11.47 3.17
C ALA D 44 -0.58 -12.10 2.46
N ILE D 45 -1.42 -12.86 3.16
CA ILE D 45 -2.63 -13.38 2.52
C ILE D 45 -3.53 -12.19 2.21
N SER D 46 -3.65 -11.28 3.16
CA SER D 46 -4.47 -10.08 2.96
C SER D 46 -4.05 -9.30 1.72
N SER D 47 -2.75 -9.18 1.50
CA SER D 47 -2.21 -8.46 0.36
C SER D 47 -2.63 -9.15 -0.97
N ALA D 48 -2.56 -10.47 -1.01
CA ALA D 48 -2.89 -11.23 -2.21
C ALA D 48 -4.40 -11.25 -2.44
N VAL D 49 -5.17 -11.38 -1.36
CA VAL D 49 -6.63 -11.38 -1.51
C VAL D 49 -7.11 -10.08 -2.12
N ARG D 50 -6.51 -8.95 -1.68
CA ARG D 50 -6.87 -7.62 -2.17
C ARG D 50 -6.31 -7.36 -3.56
N LYS D 51 -5.65 -8.37 -4.11
CA LYS D 51 -5.11 -8.35 -5.46
C LYS D 51 -3.93 -7.42 -5.71
N ALA D 52 -3.11 -7.12 -4.68
CA ALA D 52 -1.91 -6.36 -4.94
C ALA D 52 -1.07 -7.14 -5.97
N GLY D 53 -0.66 -6.46 -7.03
CA GLY D 53 0.13 -7.11 -8.05
C GLY D 53 -0.62 -7.67 -9.24
N ILE D 54 -1.96 -7.66 -9.18
CA ILE D 54 -2.78 -8.23 -10.28
C ILE D 54 -2.39 -7.71 -11.68
N ALA D 55 -2.11 -6.42 -11.80
CA ALA D 55 -1.67 -5.81 -13.07
C ALA D 55 -0.59 -6.61 -13.82
N HIS D 56 0.38 -7.14 -13.07
CA HIS D 56 1.43 -7.98 -13.64
C HIS D 56 0.86 -9.27 -14.25
N LEU D 57 -0.11 -9.87 -13.57
CA LEU D 57 -0.72 -11.11 -14.05
C LEU D 57 -1.46 -10.88 -15.36
N TYR D 58 -1.91 -9.64 -15.55
CA TYR D 58 -2.59 -9.21 -16.75
C TYR D 58 -1.66 -8.50 -17.73
N GLY D 59 -0.36 -8.63 -17.51
CA GLY D 59 0.64 -8.16 -18.48
C GLY D 59 1.07 -6.71 -18.52
N ILE D 60 0.96 -5.98 -17.42
CA ILE D 60 1.47 -4.60 -17.38
C ILE D 60 2.92 -4.46 -17.88
N ALA D 61 3.74 -5.48 -17.64
CA ALA D 61 5.14 -5.48 -18.04
C ALA D 61 5.43 -6.42 -19.23
N GLY D 62 4.39 -6.71 -20.00
CA GLY D 62 4.54 -7.57 -21.17
C GLY D 62 3.73 -8.86 -21.14
N LYS D 73 -5.34 -21.05 -7.08
CA LYS D 73 -4.02 -20.50 -6.79
C LYS D 73 -4.01 -19.73 -5.49
N LEU D 74 -5.09 -18.99 -5.22
CA LEU D 74 -5.20 -18.17 -4.01
C LEU D 74 -5.24 -18.99 -2.71
N ASP D 75 -6.11 -20.00 -2.65
CA ASP D 75 -6.15 -20.89 -1.49
C ASP D 75 -4.79 -21.60 -1.27
N VAL D 76 -4.21 -22.05 -2.38
CA VAL D 76 -2.88 -22.68 -2.43
C VAL D 76 -1.75 -21.73 -2.04
N LEU D 77 -1.74 -20.51 -2.57
CA LEU D 77 -0.76 -19.53 -2.13
C LEU D 77 -0.92 -19.30 -0.62
N SER D 78 -2.17 -19.22 -0.16
CA SER D 78 -2.47 -18.96 1.27
C SER D 78 -1.99 -20.08 2.15
N ASN D 79 -2.25 -21.29 1.70
CA ASN D 79 -1.74 -22.49 2.35
C ASN D 79 -0.20 -22.45 2.47
N ASP D 80 0.45 -22.11 1.35
CA ASP D 80 1.91 -22.07 1.27
C ASP D 80 2.44 -21.02 2.24
N LEU D 81 1.78 -19.87 2.29
CA LEU D 81 2.14 -18.77 3.20
C LEU D 81 2.02 -19.20 4.67
N VAL D 82 0.87 -19.78 5.01
CA VAL D 82 0.64 -20.23 6.39
C VAL D 82 1.67 -21.29 6.80
N MET D 83 1.82 -22.32 5.98
CA MET D 83 2.73 -23.45 6.26
C MET D 83 4.17 -23.02 6.50
N ASN D 84 4.68 -22.19 5.60
CA ASN D 84 6.07 -21.76 5.65
C ASN D 84 6.35 -20.88 6.86
N MET D 85 5.45 -19.94 7.14
CA MET D 85 5.64 -19.02 8.29
C MET D 85 5.57 -19.79 9.60
N LEU D 86 4.70 -20.80 9.61
CA LEU D 86 4.52 -21.65 10.77
C LEU D 86 5.70 -22.58 10.97
N LYS D 87 6.13 -23.27 9.91
CA LYS D 87 7.31 -24.13 9.98
C LYS D 87 8.51 -23.32 10.44
N SER D 88 8.72 -22.15 9.83
CA SER D 88 9.86 -21.31 10.20
C SER D 88 9.78 -20.61 11.57
N SER D 89 8.67 -20.79 12.29
CA SER D 89 8.52 -20.19 13.63
C SER D 89 9.36 -20.88 14.72
N PHE D 90 9.73 -22.13 14.44
CA PHE D 90 10.35 -23.08 15.39
C PHE D 90 9.38 -23.44 16.53
N ALA D 91 8.08 -23.34 16.26
CA ALA D 91 7.06 -23.38 17.30
C ALA D 91 6.06 -24.50 17.08
N THR D 92 6.07 -25.09 15.89
CA THR D 92 5.08 -26.14 15.57
C THR D 92 5.79 -27.44 15.26
N CYS D 93 5.08 -28.55 15.41
CA CYS D 93 5.56 -29.88 15.00
C CYS D 93 4.63 -30.55 14.01
N VAL D 94 3.33 -30.31 14.16
CA VAL D 94 2.31 -30.89 13.29
C VAL D 94 1.37 -29.79 12.78
N LEU D 95 1.12 -29.78 11.47
CA LEU D 95 0.26 -28.78 10.85
C LEU D 95 -0.83 -29.47 10.07
N VAL D 96 -2.07 -29.09 10.36
CA VAL D 96 -3.23 -29.65 9.66
C VAL D 96 -3.95 -28.53 8.93
N SER D 97 -3.96 -28.63 7.60
CA SER D 97 -4.62 -27.69 6.76
C SER D 97 -5.81 -28.31 6.00
N GLU D 98 -6.88 -27.53 5.84
CA GLU D 98 -7.97 -27.88 4.93
C GLU D 98 -7.44 -28.33 3.56
N GLU D 99 -6.33 -27.71 3.12
CA GLU D 99 -5.69 -27.94 1.82
C GLU D 99 -4.82 -29.17 1.67
N ASP D 100 -4.47 -29.84 2.77
CA ASP D 100 -3.58 -31.01 2.69
C ASP D 100 -4.30 -32.29 3.15
N LYS D 101 -4.18 -33.34 2.33
CA LYS D 101 -4.77 -34.64 2.61
C LYS D 101 -4.34 -35.21 3.97
N HIS D 102 -3.04 -35.11 4.26
CA HIS D 102 -2.48 -35.65 5.50
C HIS D 102 -1.96 -34.52 6.35
N ALA D 103 -1.79 -34.76 7.65
CA ALA D 103 -1.11 -33.76 8.48
C ALA D 103 0.32 -33.58 7.98
N ILE D 104 0.83 -32.36 8.08
CA ILE D 104 2.20 -32.06 7.71
C ILE D 104 3.07 -32.13 8.96
N ILE D 105 4.09 -32.98 8.91
CA ILE D 105 5.00 -33.14 10.04
C ILE D 105 6.21 -32.23 9.85
N VAL D 106 6.44 -31.34 10.82
CA VAL D 106 7.53 -30.36 10.74
C VAL D 106 8.88 -31.05 10.94
N GLU D 107 9.88 -30.62 10.16
CA GLU D 107 11.21 -31.23 10.11
C GLU D 107 11.90 -31.03 11.44
N PRO D 108 12.65 -32.05 11.90
CA PRO D 108 13.23 -32.11 13.25
C PRO D 108 13.89 -30.81 13.72
N GLU D 109 14.68 -30.19 12.85
CA GLU D 109 15.47 -29.02 13.19
C GLU D 109 14.59 -27.78 13.49
N LYS D 110 13.36 -27.75 12.98
CA LYS D 110 12.42 -26.64 13.24
C LYS D 110 11.17 -26.99 14.07
N ARG D 111 11.18 -28.14 14.73
CA ARG D 111 10.03 -28.58 15.51
C ARG D 111 9.84 -27.79 16.78
N GLY D 112 8.59 -27.45 17.05
CA GLY D 112 8.25 -26.82 18.31
C GLY D 112 7.18 -27.59 19.05
N LYS D 113 6.62 -26.94 20.05
CA LYS D 113 5.73 -27.66 20.96
C LYS D 113 4.26 -27.66 20.54
N TYR D 114 3.93 -26.82 19.56
CA TYR D 114 2.53 -26.63 19.19
C TYR D 114 2.11 -27.40 17.95
N VAL D 115 0.81 -27.70 17.91
CA VAL D 115 0.13 -28.31 16.77
C VAL D 115 -0.90 -27.29 16.27
N VAL D 116 -0.91 -27.02 14.96
CA VAL D 116 -1.81 -26.02 14.41
C VAL D 116 -2.74 -26.64 13.39
N CYS D 117 -4.03 -26.40 13.59
CA CYS D 117 -5.08 -26.73 12.63
C CYS D 117 -5.54 -25.43 12.00
N PHE D 118 -5.63 -25.38 10.68
CA PHE D 118 -6.02 -24.16 10.00
C PHE D 118 -6.73 -24.38 8.67
N ASP D 119 -7.56 -23.40 8.32
CA ASP D 119 -8.16 -23.32 7.03
C ASP D 119 -7.62 -22.05 6.39
N PRO D 120 -6.65 -22.17 5.48
CA PRO D 120 -5.88 -21.02 4.94
C PRO D 120 -6.73 -19.94 4.26
N LEU D 121 -7.68 -20.38 3.43
CA LEU D 121 -8.61 -19.46 2.80
C LEU D 121 -10.04 -20.00 2.77
N ASP D 122 -10.69 -19.89 3.93
CA ASP D 122 -12.09 -20.28 4.12
C ASP D 122 -13.04 -19.51 3.21
N GLY D 123 -13.85 -20.25 2.45
CA GLY D 123 -14.89 -19.66 1.62
C GLY D 123 -14.37 -19.14 0.29
N SER D 124 -13.13 -19.49 -0.03
CA SER D 124 -12.53 -19.08 -1.30
C SER D 124 -13.23 -19.75 -2.48
N SER D 125 -13.91 -20.85 -2.19
CA SER D 125 -14.81 -21.54 -3.13
C SER D 125 -15.59 -20.56 -4.02
N ASN D 126 -15.86 -19.36 -3.49
CA ASN D 126 -16.69 -18.36 -4.15
C ASN D 126 -16.01 -17.02 -4.33
N ILE D 127 -14.68 -17.05 -4.27
CA ILE D 127 -13.88 -15.83 -4.27
C ILE D 127 -14.07 -15.02 -5.55
N ASP D 128 -14.66 -15.67 -6.57
CA ASP D 128 -14.89 -15.03 -7.86
C ASP D 128 -15.97 -13.96 -7.79
N CYS D 129 -16.75 -13.97 -6.72
CA CYS D 129 -17.76 -12.94 -6.50
C CYS D 129 -17.32 -11.86 -5.48
N LEU D 130 -16.03 -11.89 -5.13
CA LEU D 130 -15.38 -11.03 -4.12
C LEU D 130 -15.99 -11.09 -2.71
N VAL D 131 -16.64 -12.20 -2.41
CA VAL D 131 -17.15 -12.48 -1.07
C VAL D 131 -15.99 -12.43 -0.12
N SER D 132 -16.25 -11.90 1.07
CA SER D 132 -15.35 -11.96 2.20
C SER D 132 -14.77 -13.35 2.37
N VAL D 133 -13.48 -13.40 2.66
CA VAL D 133 -12.85 -14.69 2.93
C VAL D 133 -12.11 -14.64 4.25
N GLY D 134 -11.63 -15.80 4.68
CA GLY D 134 -11.00 -15.88 5.97
C GLY D 134 -10.05 -17.03 6.11
N THR D 135 -9.16 -16.88 7.08
CA THR D 135 -8.24 -17.91 7.52
C THR D 135 -8.62 -18.22 8.96
N ILE D 136 -8.83 -19.49 9.24
CA ILE D 136 -9.15 -19.91 10.60
C ILE D 136 -8.02 -20.78 11.09
N PHE D 137 -7.68 -20.63 12.38
CA PHE D 137 -6.61 -21.40 13.00
C PHE D 137 -7.00 -21.79 14.43
N GLY D 138 -6.51 -22.93 14.87
CA GLY D 138 -6.68 -23.38 16.23
C GLY D 138 -5.33 -23.94 16.62
N ILE D 139 -4.90 -23.67 17.85
CA ILE D 139 -3.55 -24.03 18.28
C ILE D 139 -3.60 -24.91 19.52
N TYR D 140 -3.05 -26.10 19.39
CA TYR D 140 -2.91 -27.05 20.49
C TYR D 140 -1.44 -27.14 20.90
N ARG D 141 -1.19 -27.33 22.19
CA ARG D 141 0.12 -27.81 22.65
C ARG D 141 0.15 -29.32 22.35
N LYS D 142 1.27 -29.81 21.80
CA LYS D 142 1.43 -31.25 21.59
C LYS D 142 1.42 -31.89 22.97
N LYS D 143 0.68 -32.99 23.12
CA LYS D 143 0.46 -33.58 24.42
C LYS D 143 1.35 -34.77 24.79
N SER D 144 1.82 -35.52 23.80
CA SER D 144 2.71 -36.64 24.07
C SER D 144 4.12 -36.34 23.59
N THR D 145 5.08 -37.05 24.15
CA THR D 145 6.48 -36.97 23.71
C THR D 145 6.77 -37.86 22.50
N ASP D 146 5.78 -38.65 22.07
CA ASP D 146 5.88 -39.52 20.89
C ASP D 146 6.26 -38.73 19.65
N GLU D 147 6.88 -39.42 18.68
CA GLU D 147 7.20 -38.82 17.38
C GLU D 147 5.95 -38.18 16.81
N PRO D 148 6.05 -36.93 16.34
CA PRO D 148 4.90 -36.20 15.83
C PRO D 148 4.17 -36.94 14.70
N SER D 149 2.84 -37.02 14.81
CA SER D 149 2.03 -37.71 13.82
C SER D 149 0.68 -37.04 13.72
N GLU D 150 -0.18 -37.59 12.86
CA GLU D 150 -1.58 -37.13 12.75
C GLU D 150 -2.31 -37.14 14.09
N LYS D 151 -1.90 -38.04 14.99
CA LYS D 151 -2.56 -38.23 16.29
C LYS D 151 -2.46 -37.01 17.22
N ASP D 152 -1.36 -36.25 17.13
CA ASP D 152 -1.19 -35.03 17.92
C ASP D 152 -2.26 -33.98 17.69
N ALA D 153 -2.94 -34.09 16.54
CA ALA D 153 -3.96 -33.13 16.13
C ALA D 153 -5.35 -33.54 16.59
N LEU D 154 -5.50 -34.84 16.86
CA LEU D 154 -6.76 -35.40 17.34
C LEU D 154 -6.95 -35.09 18.83
N GLN D 155 -7.21 -33.81 19.10
CA GLN D 155 -7.56 -33.33 20.43
C GLN D 155 -8.92 -32.64 20.40
N PRO D 156 -9.68 -32.71 21.52
CA PRO D 156 -10.90 -31.90 21.63
C PRO D 156 -10.59 -30.41 21.60
N GLY D 157 -11.48 -29.61 21.02
CA GLY D 157 -11.29 -28.16 20.98
C GLY D 157 -11.17 -27.57 22.37
N ARG D 158 -11.62 -28.34 23.36
CA ARG D 158 -11.44 -27.95 24.77
C ARG D 158 -9.97 -27.72 25.14
N ASN D 159 -9.08 -28.39 24.42
CA ASN D 159 -7.66 -28.35 24.70
C ASN D 159 -6.95 -27.21 23.99
N LEU D 160 -7.71 -26.37 23.27
CA LEU D 160 -7.14 -25.26 22.50
C LEU D 160 -6.41 -24.27 23.41
N VAL D 161 -5.23 -23.85 23.00
CA VAL D 161 -4.45 -22.83 23.68
C VAL D 161 -4.86 -21.46 23.16
N ALA D 162 -5.08 -21.40 21.85
CA ALA D 162 -5.43 -20.18 21.18
C ALA D 162 -6.14 -20.55 19.90
N ALA D 163 -7.02 -19.68 19.44
CA ALA D 163 -7.77 -19.94 18.22
C ALA D 163 -8.30 -18.63 17.74
N GLY D 164 -8.50 -18.53 16.44
CA GLY D 164 -9.31 -17.44 15.96
C GLY D 164 -9.32 -17.39 14.47
N TYR D 165 -9.52 -16.18 13.95
CA TYR D 165 -9.59 -16.01 12.50
C TYR D 165 -9.11 -14.66 12.02
N ALA D 166 -8.77 -14.65 10.73
CA ALA D 166 -8.49 -13.45 9.98
C ALA D 166 -9.64 -13.29 8.99
N LEU D 167 -10.34 -12.18 9.09
CA LEU D 167 -11.43 -11.90 8.18
C LEU D 167 -10.95 -10.92 7.12
N TYR D 168 -10.96 -11.32 5.85
CA TYR D 168 -10.60 -10.45 4.73
C TYR D 168 -11.87 -9.84 4.16
N GLY D 169 -12.35 -8.79 4.83
CA GLY D 169 -13.64 -8.16 4.52
C GLY D 169 -13.44 -6.77 3.96
N SER D 170 -14.40 -5.89 4.17
CA SER D 170 -14.21 -4.48 3.81
C SER D 170 -12.86 -4.02 4.35
N ALA D 171 -12.51 -4.48 5.54
CA ALA D 171 -11.14 -4.35 6.08
C ALA D 171 -10.72 -5.75 6.50
N THR D 172 -9.46 -5.92 6.89
CA THR D 172 -8.97 -7.22 7.38
C THR D 172 -8.81 -7.11 8.89
N MET D 173 -9.44 -8.03 9.59
CA MET D 173 -9.30 -8.08 11.04
C MET D 173 -8.92 -9.47 11.51
N LEU D 174 -8.10 -9.48 12.55
CA LEU D 174 -7.69 -10.71 13.20
C LEU D 174 -8.41 -10.77 14.53
N VAL D 175 -9.12 -11.89 14.74
CA VAL D 175 -9.83 -12.16 15.97
C VAL D 175 -9.12 -13.28 16.73
N LEU D 176 -8.64 -12.95 17.91
CA LEU D 176 -7.81 -13.90 18.64
C LEU D 176 -8.42 -14.20 20.00
N ALA D 177 -8.75 -15.47 20.16
CA ALA D 177 -9.27 -16.03 21.40
C ALA D 177 -8.20 -16.80 22.14
N MET D 178 -8.09 -16.53 23.44
CA MET D 178 -7.26 -17.28 24.34
C MET D 178 -7.98 -17.31 25.68
N ASP D 179 -7.32 -17.80 26.71
CA ASP D 179 -7.93 -17.89 28.02
C ASP D 179 -8.21 -16.51 28.61
N CYS D 180 -7.49 -15.50 28.15
CA CYS D 180 -7.70 -14.12 28.61
C CYS D 180 -8.93 -13.43 27.97
N GLY D 181 -9.54 -14.13 27.01
CA GLY D 181 -10.74 -13.63 26.33
C GLY D 181 -10.48 -13.40 24.85
N VAL D 182 -11.39 -12.67 24.22
CA VAL D 182 -11.33 -12.45 22.77
C VAL D 182 -10.93 -11.01 22.50
N ASN D 183 -9.96 -10.83 21.63
CA ASN D 183 -9.51 -9.50 21.27
C ASN D 183 -9.39 -9.37 19.75
N CYS D 184 -9.98 -8.31 19.19
CA CYS D 184 -10.02 -8.10 17.74
C CYS D 184 -9.05 -7.01 17.32
N PHE D 185 -8.23 -7.29 16.31
CA PHE D 185 -7.20 -6.37 15.89
C PHE D 185 -7.43 -5.93 14.44
N MET D 186 -7.25 -4.63 14.17
CA MET D 186 -7.46 -4.14 12.83
C MET D 186 -6.16 -4.02 12.08
N LEU D 187 -6.09 -4.68 10.93
CA LEU D 187 -4.96 -4.55 10.06
C LEU D 187 -5.02 -3.16 9.46
N ASP D 188 -3.99 -2.38 9.79
CA ASP D 188 -3.70 -1.13 9.12
C ASP D 188 -2.67 -1.41 8.02
N PRO D 189 -3.11 -1.35 6.75
CA PRO D 189 -2.32 -1.65 5.56
C PRO D 189 -1.29 -0.59 5.25
N ALA D 190 -1.54 0.64 5.66
CA ALA D 190 -0.53 1.70 5.61
C ALA D 190 0.76 1.27 6.31
N ILE D 191 0.66 0.59 7.46
CA ILE D 191 1.87 0.16 8.19
C ILE D 191 2.04 -1.35 8.48
N GLY D 192 1.05 -2.17 8.17
CA GLY D 192 1.18 -3.60 8.41
C GLY D 192 1.22 -3.95 9.87
N GLU D 193 0.35 -3.30 10.63
CA GLU D 193 0.16 -3.55 12.06
C GLU D 193 -1.29 -3.84 12.35
N PHE D 194 -1.51 -4.91 13.12
CA PHE D 194 -2.81 -5.20 13.68
C PHE D 194 -3.06 -4.34 14.91
N ILE D 195 -4.04 -3.46 14.79
CA ILE D 195 -4.32 -2.53 15.88
C ILE D 195 -5.46 -3.11 16.74
N LEU D 196 -5.23 -3.23 18.04
CA LEU D 196 -6.28 -3.72 18.93
C LEU D 196 -7.38 -2.68 19.00
N VAL D 197 -8.52 -3.00 18.40
CA VAL D 197 -9.63 -2.06 18.34
C VAL D 197 -10.83 -2.46 19.20
N ASP D 198 -10.91 -3.76 19.53
CA ASP D 198 -11.95 -4.23 20.46
C ASP D 198 -11.38 -5.19 21.51
N LYS D 199 -11.53 -4.84 22.79
CA LYS D 199 -10.89 -5.58 23.88
C LYS D 199 -11.84 -6.49 24.64
N ASP D 200 -11.44 -7.73 24.88
CA ASP D 200 -12.21 -8.69 25.70
C ASP D 200 -13.68 -8.66 25.30
N VAL D 201 -13.91 -8.97 24.03
CA VAL D 201 -15.23 -8.83 23.47
C VAL D 201 -16.17 -9.91 24.03
N LYS D 202 -17.43 -9.56 24.25
CA LYS D 202 -18.44 -10.53 24.63
C LYS D 202 -19.62 -10.45 23.66
N ILE D 203 -20.23 -11.58 23.36
CA ILE D 203 -21.36 -11.63 22.46
C ILE D 203 -22.65 -11.21 23.18
N LYS D 204 -23.64 -10.70 22.45
CA LYS D 204 -24.96 -10.43 23.04
C LYS D 204 -25.59 -11.73 23.58
N LYS D 205 -26.41 -11.57 24.61
CA LYS D 205 -27.12 -12.66 25.24
C LYS D 205 -28.11 -13.31 24.27
N LYS D 206 -28.84 -12.48 23.52
CA LYS D 206 -29.83 -12.93 22.54
C LYS D 206 -29.69 -12.10 21.27
N GLY D 207 -29.74 -12.75 20.11
CA GLY D 207 -29.58 -12.04 18.85
C GLY D 207 -30.91 -11.75 18.20
N LYS D 208 -30.87 -11.13 17.01
CA LYS D 208 -32.06 -10.96 16.16
C LYS D 208 -31.72 -11.30 14.71
N ILE D 209 -30.66 -12.06 14.52
CA ILE D 209 -30.25 -12.52 13.20
C ILE D 209 -30.07 -14.05 13.25
N TYR D 210 -30.63 -14.77 12.28
CA TYR D 210 -30.33 -16.19 12.12
C TYR D 210 -29.58 -16.39 10.82
N SER D 211 -28.60 -17.28 10.82
CA SER D 211 -27.78 -17.46 9.62
C SER D 211 -27.63 -18.91 9.26
N LEU D 212 -28.26 -19.31 8.16
CA LEU D 212 -28.09 -20.64 7.59
C LEU D 212 -28.48 -20.59 6.12
N ASN D 213 -28.18 -21.68 5.40
CA ASN D 213 -28.54 -21.85 3.99
C ASN D 213 -29.94 -22.44 3.85
N GLU D 214 -30.95 -21.57 3.70
CA GLU D 214 -32.35 -22.00 3.66
C GLU D 214 -32.74 -22.62 2.33
N GLY D 215 -31.87 -22.47 1.32
CA GLY D 215 -32.14 -23.04 0.00
C GLY D 215 -32.36 -24.53 0.11
N TYR D 216 -31.61 -25.16 1.02
CA TYR D 216 -31.68 -26.59 1.25
C TYR D 216 -32.65 -26.99 2.36
N ALA D 217 -33.67 -26.16 2.55
CA ALA D 217 -34.73 -26.38 3.53
C ALA D 217 -35.37 -27.74 3.45
N LYS D 218 -35.49 -28.28 2.24
CA LYS D 218 -36.10 -29.60 2.03
C LYS D 218 -35.33 -30.75 2.67
N ASP D 219 -34.02 -30.56 2.86
CA ASP D 219 -33.18 -31.54 3.54
C ASP D 219 -33.01 -31.26 5.05
N PHE D 220 -33.62 -30.19 5.55
CA PHE D 220 -33.51 -29.80 6.95
C PHE D 220 -34.01 -30.89 7.88
N ASP D 221 -33.29 -31.06 8.97
CA ASP D 221 -33.80 -31.78 10.13
C ASP D 221 -35.15 -31.16 10.57
N PRO D 222 -36.16 -32.00 10.85
CA PRO D 222 -37.40 -31.50 11.48
C PRO D 222 -37.20 -30.40 12.52
N ALA D 223 -36.19 -30.53 13.38
CA ALA D 223 -35.91 -29.52 14.43
C ALA D 223 -35.40 -28.20 13.87
N VAL D 224 -34.59 -28.28 12.82
CA VAL D 224 -34.07 -27.09 12.15
C VAL D 224 -35.22 -26.36 11.49
N THR D 225 -36.08 -27.13 10.81
CA THR D 225 -37.28 -26.59 10.21
C THR D 225 -38.13 -25.83 11.23
N GLU D 226 -38.42 -26.46 12.38
CA GLU D 226 -39.24 -25.82 13.38
C GLU D 226 -38.60 -24.55 13.95
N TYR D 227 -37.32 -24.65 14.30
CA TYR D 227 -36.60 -23.50 14.83
C TYR D 227 -36.63 -22.31 13.88
N ILE D 228 -36.32 -22.55 12.61
CA ILE D 228 -36.30 -21.50 11.61
C ILE D 228 -37.72 -20.93 11.39
N GLN D 229 -38.72 -21.79 11.41
CA GLN D 229 -40.11 -21.32 11.35
C GLN D 229 -40.45 -20.36 12.50
N ARG D 230 -39.91 -20.65 13.68
CA ARG D 230 -40.08 -19.83 14.86
C ARG D 230 -39.39 -18.47 14.77
N LYS D 231 -38.28 -18.42 14.03
CA LYS D 231 -37.58 -17.17 13.76
C LYS D 231 -38.37 -16.27 12.81
N LYS D 232 -39.02 -16.89 11.83
CA LYS D 232 -39.82 -16.18 10.84
C LYS D 232 -41.20 -15.80 11.39
N PHE D 233 -41.86 -16.78 12.01
CA PHE D 233 -43.24 -16.66 12.50
C PHE D 233 -43.30 -16.89 14.00
N PRO D 234 -42.83 -15.91 14.79
CA PRO D 234 -42.77 -16.07 16.24
C PRO D 234 -44.16 -16.27 16.84
N PRO D 235 -44.29 -17.17 17.83
CA PRO D 235 -45.59 -17.48 18.44
C PRO D 235 -46.21 -16.27 19.09
N ASP D 236 -45.38 -15.51 19.80
CA ASP D 236 -45.82 -14.36 20.59
C ASP D 236 -45.80 -13.08 19.76
N ASN D 237 -45.69 -11.94 20.45
CA ASN D 237 -45.73 -10.63 19.78
C ASN D 237 -44.33 -10.05 19.51
N SER D 238 -43.36 -10.91 19.27
CA SER D 238 -41.99 -10.46 19.05
C SER D 238 -41.70 -10.22 17.57
N ALA D 239 -40.69 -9.40 17.29
CA ALA D 239 -40.22 -9.21 15.92
C ALA D 239 -39.56 -10.51 15.41
N PRO D 240 -39.94 -10.91 14.18
CA PRO D 240 -39.22 -11.97 13.48
C PRO D 240 -37.75 -11.54 13.33
N TYR D 241 -36.82 -12.46 13.49
CA TYR D 241 -35.40 -12.18 13.31
C TYR D 241 -35.13 -11.77 11.87
N GLY D 242 -34.07 -10.99 11.67
CA GLY D 242 -33.47 -10.86 10.34
C GLY D 242 -32.82 -12.16 9.85
N ALA D 243 -32.60 -12.23 8.55
CA ALA D 243 -31.78 -13.30 7.98
C ALA D 243 -30.55 -12.71 7.30
N ARG D 244 -29.41 -13.36 7.51
CA ARG D 244 -28.20 -13.13 6.74
C ARG D 244 -27.50 -14.48 6.49
N TYR D 245 -27.03 -14.69 5.27
CA TYR D 245 -26.13 -15.80 4.99
C TYR D 245 -25.12 -15.46 3.93
N VAL D 246 -23.90 -15.14 4.36
CA VAL D 246 -22.81 -14.83 3.43
C VAL D 246 -22.36 -16.05 2.60
N GLY D 247 -22.42 -17.24 3.19
CA GLY D 247 -21.90 -18.43 2.54
C GLY D 247 -20.42 -18.67 2.81
N SER D 248 -19.84 -17.75 3.59
CA SER D 248 -18.43 -17.79 4.03
C SER D 248 -18.36 -17.73 5.55
N MET D 249 -17.85 -18.79 6.15
CA MET D 249 -17.97 -19.06 7.58
C MET D 249 -17.39 -17.98 8.49
N VAL D 250 -16.23 -17.46 8.12
CA VAL D 250 -15.56 -16.43 8.91
C VAL D 250 -16.41 -15.17 8.96
N ALA D 251 -16.94 -14.77 7.81
CA ALA D 251 -17.86 -13.65 7.69
C ALA D 251 -19.17 -13.85 8.44
N ASP D 252 -19.76 -15.05 8.34
CA ASP D 252 -20.99 -15.34 9.09
C ASP D 252 -20.80 -15.41 10.59
N VAL D 253 -19.72 -16.05 11.01
CA VAL D 253 -19.37 -16.14 12.44
C VAL D 253 -18.96 -14.75 13.02
N HIS D 254 -18.27 -13.92 12.24
CA HIS D 254 -17.88 -12.58 12.75
C HIS D 254 -19.07 -11.67 12.97
N ARG D 255 -20.03 -11.72 12.03
CA ARG D 255 -21.26 -10.95 12.15
C ARG D 255 -22.02 -11.35 13.40
N THR D 256 -22.06 -12.66 13.64
CA THR D 256 -22.70 -13.22 14.83
C THR D 256 -21.99 -12.73 16.08
N LEU D 257 -20.67 -12.69 16.03
CA LEU D 257 -19.88 -12.16 17.13
C LEU D 257 -20.23 -10.71 17.44
N VAL D 258 -20.23 -9.87 16.41
CA VAL D 258 -20.46 -8.44 16.53
C VAL D 258 -21.93 -8.12 16.86
N TYR D 259 -22.86 -8.80 16.21
CA TYR D 259 -24.29 -8.45 16.31
C TYR D 259 -25.17 -9.40 17.13
N GLY D 260 -24.55 -10.45 17.66
CA GLY D 260 -25.28 -11.55 18.30
C GLY D 260 -26.19 -12.30 17.34
N GLY D 261 -26.85 -13.34 17.84
CA GLY D 261 -27.66 -14.18 16.98
C GLY D 261 -27.16 -15.59 16.84
N ILE D 262 -27.59 -16.27 15.77
CA ILE D 262 -27.31 -17.68 15.62
C ILE D 262 -26.86 -18.01 14.19
N PHE D 263 -25.82 -18.83 14.10
CA PHE D 263 -25.34 -19.33 12.84
C PHE D 263 -25.48 -20.84 12.87
N LEU D 264 -26.13 -21.40 11.85
CA LEU D 264 -26.31 -22.83 11.82
C LEU D 264 -25.73 -23.42 10.57
N TYR D 265 -24.91 -24.46 10.77
CA TYR D 265 -24.61 -25.42 9.73
C TYR D 265 -24.84 -26.81 10.33
N PRO D 266 -26.11 -27.28 10.28
CA PRO D 266 -26.58 -28.39 11.11
C PRO D 266 -26.49 -29.75 10.42
N ALA D 267 -26.57 -30.81 11.21
CA ALA D 267 -26.68 -32.17 10.68
C ALA D 267 -28.08 -32.36 10.12
N ASN D 268 -28.18 -33.29 9.14
CA ASN D 268 -29.44 -33.77 8.61
C ASN D 268 -29.26 -35.20 8.17
N LYS D 269 -30.32 -35.80 7.59
CA LYS D 269 -30.31 -37.23 7.26
C LYS D 269 -29.22 -37.65 6.28
N LYS D 270 -28.88 -36.76 5.35
CA LYS D 270 -27.91 -37.07 4.30
C LYS D 270 -26.49 -36.66 4.69
N SER D 271 -26.43 -35.79 5.70
CA SER D 271 -25.19 -35.30 6.28
C SER D 271 -25.27 -35.38 7.81
N PRO D 272 -25.19 -36.60 8.37
CA PRO D 272 -25.53 -36.76 9.78
C PRO D 272 -24.45 -36.23 10.69
N ASN D 273 -23.31 -35.85 10.11
CA ASN D 273 -22.22 -35.24 10.85
C ASN D 273 -21.97 -33.84 10.34
N GLY D 274 -22.89 -33.33 9.52
CA GLY D 274 -22.79 -31.98 8.98
C GLY D 274 -21.77 -31.87 7.86
N LYS D 275 -21.46 -30.65 7.46
CA LYS D 275 -20.57 -30.43 6.33
C LYS D 275 -19.23 -29.83 6.74
N LEU D 276 -19.25 -28.89 7.69
CA LEU D 276 -18.03 -28.21 8.11
C LEU D 276 -17.08 -29.10 8.90
N ARG D 277 -15.79 -28.75 8.89
CA ARG D 277 -14.76 -29.57 9.50
C ARG D 277 -14.44 -29.14 10.93
N LEU D 278 -14.43 -30.14 11.82
CA LEU D 278 -14.28 -29.92 13.25
C LEU D 278 -12.98 -29.23 13.60
N LEU D 279 -11.87 -29.71 13.06
CA LEU D 279 -10.57 -29.29 13.53
C LEU D 279 -10.21 -27.85 13.21
N TYR D 280 -10.52 -27.43 11.98
CA TYR D 280 -10.04 -26.13 11.51
C TYR D 280 -11.15 -25.18 11.05
N GLU D 281 -12.40 -25.59 11.25
CA GLU D 281 -13.54 -24.70 11.06
C GLU D 281 -14.31 -24.59 12.38
N CYS D 282 -14.92 -25.68 12.84
CA CYS D 282 -15.83 -25.62 13.98
C CYS D 282 -15.17 -25.38 15.33
N ASN D 283 -14.10 -26.10 15.63
CA ASN D 283 -13.38 -25.91 16.91
C ASN D 283 -12.88 -24.50 17.17
N PRO D 284 -12.12 -23.92 16.22
CA PRO D 284 -11.74 -22.51 16.39
C PRO D 284 -12.91 -21.57 16.61
N MET D 285 -13.98 -21.74 15.83
CA MET D 285 -15.14 -20.87 15.97
C MET D 285 -15.88 -21.09 17.29
N ALA D 286 -15.98 -22.35 17.70
CA ALA D 286 -16.61 -22.67 18.96
C ALA D 286 -15.77 -22.13 20.13
N TYR D 287 -14.44 -22.18 20.02
CA TYR D 287 -13.54 -21.62 21.06
C TYR D 287 -13.69 -20.11 21.22
N VAL D 288 -13.60 -19.38 20.09
CA VAL D 288 -13.90 -17.96 20.05
C VAL D 288 -15.28 -17.65 20.68
N MET D 289 -16.31 -18.38 20.26
CA MET D 289 -17.66 -18.13 20.78
C MET D 289 -17.70 -18.30 22.29
N GLU D 290 -17.12 -19.41 22.77
CA GLU D 290 -17.10 -19.69 24.21
C GLU D 290 -16.35 -18.66 25.03
N LYS D 291 -15.21 -18.19 24.53
CA LYS D 291 -14.46 -17.16 25.22
C LYS D 291 -15.17 -15.80 25.17
N ALA D 292 -16.06 -15.61 24.20
CA ALA D 292 -16.92 -14.41 24.14
C ALA D 292 -18.23 -14.58 24.92
N GLY D 293 -18.35 -15.66 25.68
CA GLY D 293 -19.62 -16.00 26.34
C GLY D 293 -20.71 -16.51 25.38
N GLY D 294 -20.33 -17.03 24.20
CA GLY D 294 -21.28 -17.62 23.28
C GLY D 294 -21.42 -19.12 23.50
N MET D 295 -22.06 -19.79 22.57
CA MET D 295 -22.26 -21.22 22.66
C MET D 295 -22.10 -21.88 21.30
N ALA D 296 -21.79 -23.18 21.30
CA ALA D 296 -21.56 -23.91 20.06
C ALA D 296 -21.73 -25.40 20.31
N THR D 297 -22.78 -25.95 19.73
CA THR D 297 -23.21 -27.29 20.00
C THR D 297 -23.21 -28.01 18.67
N THR D 298 -23.17 -29.33 18.69
CA THR D 298 -23.44 -30.09 17.48
C THR D 298 -24.94 -30.43 17.46
N GLY D 299 -25.65 -29.93 18.48
CA GLY D 299 -26.98 -30.39 18.78
C GLY D 299 -26.91 -31.42 19.90
N LYS D 300 -26.04 -32.41 19.73
CA LYS D 300 -25.93 -33.50 20.69
C LYS D 300 -24.94 -33.21 21.81
N GLU D 301 -23.91 -32.41 21.54
CA GLU D 301 -22.94 -32.01 22.56
C GLU D 301 -22.22 -30.72 22.14
N ALA D 302 -21.47 -30.12 23.07
CA ALA D 302 -20.64 -28.95 22.75
C ALA D 302 -19.55 -29.33 21.75
N VAL D 303 -19.32 -28.46 20.77
CA VAL D 303 -18.41 -28.78 19.65
C VAL D 303 -17.03 -29.07 20.22
N LEU D 304 -16.66 -28.29 21.23
CA LEU D 304 -15.36 -28.41 21.86
C LEU D 304 -15.19 -29.75 22.57
N ASP D 305 -16.30 -30.42 22.91
CA ASP D 305 -16.18 -31.69 23.65
C ASP D 305 -16.00 -32.89 22.75
N VAL D 306 -16.25 -32.70 21.45
CA VAL D 306 -16.13 -33.78 20.48
C VAL D 306 -14.68 -34.22 20.41
N ILE D 307 -14.46 -35.52 20.54
CA ILE D 307 -13.13 -36.13 20.44
C ILE D 307 -12.90 -36.52 18.99
N PRO D 308 -11.98 -35.82 18.31
CA PRO D 308 -11.74 -36.10 16.91
C PRO D 308 -11.09 -37.47 16.76
N THR D 309 -11.61 -38.25 15.80
CA THR D 309 -10.91 -39.45 15.33
C THR D 309 -10.17 -39.27 14.00
N ASP D 310 -10.68 -38.42 13.09
CA ASP D 310 -10.01 -38.14 11.79
C ASP D 310 -9.79 -36.63 11.61
N ILE D 311 -8.61 -36.24 11.08
CA ILE D 311 -8.23 -34.80 10.98
C ILE D 311 -9.14 -33.92 10.13
N HIS D 312 -9.87 -34.53 9.19
CA HIS D 312 -10.77 -33.81 8.28
C HIS D 312 -12.23 -34.15 8.56
N GLN D 313 -12.48 -34.60 9.78
CA GLN D 313 -13.81 -35.01 10.13
C GLN D 313 -14.77 -33.85 10.22
N ARG D 314 -16.03 -34.16 9.90
CA ARG D 314 -17.09 -33.17 9.91
C ARG D 314 -17.85 -33.14 11.21
N ALA D 315 -18.41 -31.98 11.51
CA ALA D 315 -19.23 -31.80 12.69
C ALA D 315 -20.32 -30.77 12.39
N PRO D 316 -21.50 -30.95 13.00
CA PRO D 316 -22.54 -29.94 12.90
C PRO D 316 -22.16 -28.82 13.85
N VAL D 317 -22.59 -27.60 13.53
CA VAL D 317 -22.32 -26.46 14.38
C VAL D 317 -23.49 -25.50 14.42
N ILE D 318 -23.95 -25.21 15.62
CA ILE D 318 -24.95 -24.21 15.84
C ILE D 318 -24.27 -23.35 16.91
N LEU D 319 -24.00 -22.09 16.61
CA LEU D 319 -23.29 -21.27 17.58
C LEU D 319 -23.83 -19.87 17.63
N GLY D 320 -23.38 -19.08 18.61
CA GLY D 320 -23.79 -17.67 18.76
C GLY D 320 -24.25 -17.32 20.17
N SER D 321 -25.17 -16.38 20.26
CA SER D 321 -25.68 -15.88 21.53
C SER D 321 -26.28 -17.04 22.31
N PRO D 322 -25.99 -17.14 23.61
CA PRO D 322 -26.32 -18.31 24.42
C PRO D 322 -27.82 -18.65 24.48
N ASP D 323 -28.67 -17.64 24.65
CA ASP D 323 -30.14 -17.78 24.58
C ASP D 323 -30.59 -18.37 23.27
N ASP D 324 -30.03 -17.87 22.17
CA ASP D 324 -30.41 -18.40 20.88
C ASP D 324 -30.03 -19.85 20.71
N VAL D 325 -28.80 -20.19 21.08
CA VAL D 325 -28.33 -21.58 20.97
C VAL D 325 -29.14 -22.49 21.88
N LEU D 326 -29.39 -22.05 23.12
CA LEU D 326 -30.22 -22.82 24.06
C LEU D 326 -31.66 -22.99 23.61
N GLU D 327 -32.21 -21.97 22.97
CA GLU D 327 -33.51 -22.04 22.32
C GLU D 327 -33.47 -23.07 21.18
N PHE D 328 -32.34 -23.13 20.45
CA PHE D 328 -32.23 -24.12 19.39
C PHE D 328 -32.23 -25.54 19.97
N LEU D 329 -31.46 -25.74 21.03
CA LEU D 329 -31.34 -27.03 21.69
C LEU D 329 -32.68 -27.50 22.22
N LYS D 330 -33.48 -26.57 22.73
CA LYS D 330 -34.86 -26.88 23.18
C LYS D 330 -35.69 -27.54 22.08
N VAL D 331 -35.65 -26.95 20.88
CA VAL D 331 -36.41 -27.50 19.73
C VAL D 331 -35.76 -28.79 19.28
N TYR D 332 -34.43 -28.80 19.20
CA TYR D 332 -33.69 -29.99 18.86
C TYR D 332 -34.09 -31.12 19.80
N GLU D 333 -34.12 -30.84 21.09
CA GLU D 333 -34.44 -31.85 22.09
C GLU D 333 -35.89 -32.28 21.96
N LYS D 334 -36.76 -31.32 21.68
CA LYS D 334 -38.17 -31.58 21.39
C LYS D 334 -38.32 -32.73 20.38
N HIS D 335 -37.55 -32.67 19.30
CA HIS D 335 -37.63 -33.63 18.20
C HIS D 335 -36.80 -34.90 18.38
N SER D 336 -35.72 -34.81 19.17
CA SER D 336 -34.85 -35.95 19.48
C SER D 336 -35.60 -37.10 20.15
N ALA D 337 -35.36 -38.27 19.86
#